data_4ARV
#
_entry.id   4ARV
#
_cell.length_a   55.410
_cell.length_b   67.723
_cell.length_c   73.164
_cell.angle_alpha   76.67
_cell.angle_beta   87.35
_cell.angle_gamma   78.32
#
_symmetry.space_group_name_H-M   'P 1'
#
loop_
_entity.id
_entity.type
_entity.pdbx_description
1 polymer PHYTASE
2 non-polymer 'PHOSPHATE ION'
3 non-polymer 1,2-ETHANEDIOL
4 non-polymer 2-[2-(2-METHOXY-ETHOXY)-ETHOXY]-ETHOXYL
5 non-polymer 2,5,8,11,14,17-HEXAOXANONADECAN-19-OL
6 water water
#
_entity_poly.entity_id   1
_entity_poly.type   'polypeptide(L)'
_entity_poly.pdbx_seq_one_letter_code
;MTVAKKYLRLSVLTLVLSSFTLSAAPLAAQSTGYTLERVVILSRHGVRSPTKQTQLMNDVTPDKWPQWPVKAGYLTPRGA
GLVTLMGGFYGDYFRSYGLLPAGCPADESIYVQADVDQRTRLTGQAFLDGIAPDCGLKVHYQADLKKIDPLFHTVEAGVC
KLDPEKTHQAVEKRLGGPLNELSQRYAKPFALMGEVLNFSASPYCNSLQQKGKACDFATFAANEIEVNKEGTKVSLSGPL
ALSSTLGEIFLLQNSQAMPDVAWNRLSGEENWISLLSLHNAQFDLMAKTPYIARHKGTPLLQQIDTALVLQRDAQGQTLP
LSPQTKLLFLGGHDTNIANIAGMLGANWQLPQQPDNTPPGGGLVFELWQNPDNHQRYVAVKMFYQTMEQLRNADKLDLKN
NPARIVPIAIEGCENEGDNKLCQLETFQKKVAQVIEPSCHI
;
_entity_poly.pdbx_strand_id   A,B
#
# COMPACT_ATOMS: atom_id res chain seq x y z
N GLY A 33 36.61 -6.21 -15.40
CA GLY A 33 35.85 -5.27 -14.55
C GLY A 33 36.07 -3.83 -15.02
N TYR A 34 34.98 -3.10 -15.26
CA TYR A 34 35.11 -1.74 -15.84
C TYR A 34 35.45 -0.73 -14.75
N THR A 35 36.18 0.32 -15.12
CA THR A 35 36.57 1.38 -14.20
C THR A 35 35.57 2.52 -14.18
N LEU A 36 35.04 2.90 -13.01
CA LEU A 36 34.20 4.09 -12.90
C LEU A 36 35.11 5.33 -12.85
N GLU A 37 35.06 6.14 -13.90
CA GLU A 37 35.97 7.27 -14.04
C GLU A 37 35.45 8.56 -13.45
N ARG A 38 34.16 8.79 -13.61
CA ARG A 38 33.58 10.08 -13.26
C ARG A 38 32.07 9.96 -13.23
N VAL A 39 31.47 10.83 -12.40
CA VAL A 39 30.04 10.84 -12.19
C VAL A 39 29.51 12.28 -12.14
N VAL A 40 28.33 12.49 -12.76
CA VAL A 40 27.54 13.68 -12.56
C VAL A 40 26.19 13.27 -12.02
N ILE A 41 25.77 13.91 -10.91
CA ILE A 41 24.47 13.72 -10.36
C ILE A 41 23.64 14.98 -10.63
N LEU A 42 22.55 14.86 -11.37
CA LEU A 42 21.54 15.93 -11.39
C LEU A 42 20.47 15.61 -10.34
N SER A 43 20.55 16.24 -9.17
CA SER A 43 19.69 15.96 -8.04
C SER A 43 18.52 16.89 -7.95
N ARG A 44 17.34 16.38 -7.61
CA ARG A 44 16.31 17.24 -7.06
C ARG A 44 16.67 17.57 -5.64
N HIS A 45 16.15 18.69 -5.15
CA HIS A 45 16.24 19.04 -3.76
C HIS A 45 15.40 18.02 -2.95
N GLY A 46 15.60 18.01 -1.64
CA GLY A 46 14.87 17.14 -0.72
C GLY A 46 13.45 17.59 -0.39
N VAL A 47 12.89 16.94 0.60
CA VAL A 47 11.56 17.23 1.02
C VAL A 47 11.41 18.68 1.41
N ARG A 48 10.46 19.34 0.79
CA ARG A 48 10.16 20.75 0.99
C ARG A 48 8.70 20.90 1.38
N SER A 49 8.33 22.06 1.91
CA SER A 49 6.93 22.42 2.05
C SER A 49 6.30 22.72 0.66
N PRO A 50 4.97 22.71 0.61
CA PRO A 50 4.31 23.03 -0.62
C PRO A 50 4.59 24.40 -1.12
N THR A 51 4.46 24.56 -2.43
CA THR A 51 4.44 25.84 -3.09
CA THR A 51 4.49 25.89 -2.99
C THR A 51 3.28 26.65 -2.49
N LYS A 52 3.32 27.96 -2.66
CA LYS A 52 2.32 28.85 -2.03
C LYS A 52 0.90 28.45 -2.35
N GLN A 53 0.09 28.36 -1.30
CA GLN A 53 -1.30 27.99 -1.39
C GLN A 53 -2.09 29.05 -2.18
N THR A 54 -2.86 28.61 -3.17
CA THR A 54 -3.79 29.44 -3.94
C THR A 54 -5.26 29.27 -3.51
N GLN A 55 -6.11 30.23 -3.89
CA GLN A 55 -7.52 30.12 -3.55
C GLN A 55 -8.17 28.86 -4.16
N LEU A 56 -7.70 28.51 -5.35
CA LEU A 56 -8.21 27.32 -6.04
C LEU A 56 -7.92 26.05 -5.23
N MET A 57 -6.69 25.92 -4.73
CA MET A 57 -6.32 24.77 -3.91
C MET A 57 -7.17 24.67 -2.65
N ASN A 58 -7.47 25.82 -2.06
CA ASN A 58 -8.41 25.82 -0.93
C ASN A 58 -9.84 25.43 -1.32
N ASP A 59 -10.33 25.94 -2.44
CA ASP A 59 -11.75 25.84 -2.77
C ASP A 59 -12.16 24.43 -3.29
N VAL A 60 -11.19 23.60 -3.66
CA VAL A 60 -11.53 22.29 -4.25
C VAL A 60 -11.71 21.22 -3.18
N THR A 61 -11.54 21.59 -1.91
CA THR A 61 -11.84 20.67 -0.81
C THR A 61 -12.55 21.40 0.34
N PRO A 62 -13.50 20.73 1.01
CA PRO A 62 -14.02 21.32 2.22
C PRO A 62 -13.04 21.28 3.42
N ASP A 63 -12.04 20.43 3.36
CA ASP A 63 -11.14 20.22 4.47
C ASP A 63 -10.03 21.24 4.52
N LYS A 64 -9.41 21.38 5.69
CA LYS A 64 -8.31 22.32 5.88
C LYS A 64 -6.99 21.63 5.55
N TRP A 65 -6.10 22.37 4.90
CA TRP A 65 -4.78 21.88 4.53
C TRP A 65 -3.86 21.95 5.75
N PRO A 66 -3.12 20.86 6.06
CA PRO A 66 -2.16 20.87 7.15
C PRO A 66 -1.10 21.91 6.94
N GLN A 67 -0.77 22.63 8.01
CA GLN A 67 0.30 23.62 7.98
C GLN A 67 1.69 22.96 8.13
N TRP A 68 2.68 23.62 7.57
CA TRP A 68 4.09 23.20 7.56
C TRP A 68 4.99 24.05 8.41
N PRO A 69 6.13 23.49 8.88
CA PRO A 69 7.02 24.17 9.80
C PRO A 69 7.99 25.16 9.20
N VAL A 70 7.94 25.33 7.90
CA VAL A 70 8.76 26.28 7.18
C VAL A 70 7.94 27.02 6.14
N LYS A 71 8.55 28.12 5.67
CA LYS A 71 8.03 28.93 4.62
C LYS A 71 7.74 28.08 3.38
N ALA A 72 6.78 28.53 2.56
CA ALA A 72 6.46 27.86 1.32
C ALA A 72 7.67 27.63 0.47
N GLY A 73 7.84 26.38 0.03
CA GLY A 73 8.90 26.06 -0.90
C GLY A 73 10.24 25.80 -0.30
N TYR A 74 10.37 25.87 1.01
CA TYR A 74 11.65 25.69 1.65
C TYR A 74 11.87 24.23 2.02
N LEU A 75 13.10 23.82 1.93
CA LEU A 75 13.49 22.52 2.42
C LEU A 75 13.28 22.45 3.92
N THR A 76 12.62 21.40 4.42
CA THR A 76 12.44 21.25 5.83
C THR A 76 13.68 20.64 6.50
N PRO A 77 13.82 20.86 7.82
CA PRO A 77 14.96 20.23 8.49
C PRO A 77 14.98 18.69 8.35
N ARG A 78 13.80 18.07 8.33
CA ARG A 78 13.73 16.62 8.11
C ARG A 78 14.21 16.28 6.67
N GLY A 79 13.85 17.12 5.71
CA GLY A 79 14.27 16.96 4.30
C GLY A 79 15.76 17.01 4.15
N ALA A 80 16.39 17.93 4.90
CA ALA A 80 17.89 18.03 4.88
C ALA A 80 18.49 16.75 5.47
N GLY A 81 17.89 16.29 6.57
CA GLY A 81 18.28 15.01 7.19
C GLY A 81 18.24 13.86 6.19
N LEU A 82 17.14 13.77 5.46
CA LEU A 82 17.02 12.72 4.43
C LEU A 82 18.02 12.80 3.31
N VAL A 83 18.32 14.02 2.87
CA VAL A 83 19.33 14.24 1.85
C VAL A 83 20.69 13.75 2.40
N THR A 84 21.00 14.07 3.65
CA THR A 84 22.26 13.65 4.29
C THR A 84 22.31 12.12 4.29
N LEU A 85 21.19 11.43 4.59
CA LEU A 85 21.16 9.96 4.53
C LEU A 85 21.46 9.47 3.11
N MET A 86 20.93 10.14 2.12
CA MET A 86 21.23 9.80 0.74
C MET A 86 22.69 10.07 0.35
N GLY A 87 23.24 11.17 0.84
CA GLY A 87 24.67 11.49 0.68
C GLY A 87 25.55 10.39 1.22
N GLY A 88 25.16 9.81 2.35
CA GLY A 88 25.88 8.67 2.90
C GLY A 88 25.83 7.47 1.98
N PHE A 89 24.69 7.26 1.32
CA PHE A 89 24.53 6.11 0.43
C PHE A 89 25.35 6.30 -0.80
N TYR A 90 25.32 7.52 -1.34
CA TYR A 90 26.12 7.84 -2.48
C TYR A 90 27.59 7.59 -2.15
N GLY A 91 28.02 8.05 -0.98
CA GLY A 91 29.39 7.82 -0.59
C GLY A 91 29.73 6.31 -0.52
N ASP A 92 28.89 5.51 0.15
CA ASP A 92 29.13 4.06 0.21
C ASP A 92 29.23 3.45 -1.20
N TYR A 93 28.33 3.84 -2.09
CA TYR A 93 28.24 3.30 -3.47
C TYR A 93 29.48 3.66 -4.31
N PHE A 94 29.82 4.94 -4.35
CA PHE A 94 30.94 5.37 -5.17
C PHE A 94 32.26 4.91 -4.60
N ARG A 95 32.36 4.85 -3.27
CA ARG A 95 33.60 4.36 -2.65
C ARG A 95 33.76 2.88 -2.95
N SER A 96 32.65 2.14 -3.08
CA SER A 96 32.74 0.71 -3.45
C SER A 96 33.37 0.48 -4.82
N TYR A 97 33.20 1.44 -5.73
CA TYR A 97 33.79 1.39 -7.06
C TYR A 97 35.13 2.19 -7.15
N GLY A 98 35.67 2.59 -6.00
CA GLY A 98 36.94 3.31 -5.92
C GLY A 98 36.99 4.68 -6.55
N LEU A 99 35.81 5.27 -6.77
CA LEU A 99 35.75 6.61 -7.35
C LEU A 99 36.27 7.64 -6.34
N LEU A 100 35.94 7.44 -5.06
CA LEU A 100 36.44 8.30 -3.98
C LEU A 100 37.17 7.41 -3.00
N PRO A 101 38.19 7.95 -2.27
CA PRO A 101 38.85 7.12 -1.26
C PRO A 101 38.04 7.06 0.03
N ALA A 102 38.46 6.21 0.95
CA ALA A 102 37.95 6.24 2.32
C ALA A 102 38.28 7.60 2.94
N GLY A 103 37.43 8.07 3.86
CA GLY A 103 37.71 9.33 4.56
C GLY A 103 37.50 10.57 3.70
N CYS A 104 38.23 11.66 3.96
CA CYS A 104 37.95 12.90 3.24
C CYS A 104 38.43 12.79 1.78
N PRO A 105 37.64 13.30 0.82
CA PRO A 105 38.05 13.19 -0.58
C PRO A 105 39.32 13.97 -0.87
N ALA A 106 40.01 13.62 -1.95
CA ALA A 106 41.07 14.48 -2.49
C ALA A 106 40.47 15.87 -2.75
N ASP A 107 41.24 16.93 -2.50
CA ASP A 107 40.64 18.26 -2.70
C ASP A 107 40.35 18.47 -4.18
N GLU A 108 39.31 19.24 -4.41
CA GLU A 108 38.79 19.50 -5.74
C GLU A 108 38.22 18.27 -6.45
N SER A 109 38.11 17.13 -5.78
CA SER A 109 37.59 15.92 -6.47
C SER A 109 36.04 15.89 -6.51
N ILE A 110 35.38 16.60 -5.59
CA ILE A 110 33.94 16.81 -5.65
C ILE A 110 33.62 18.31 -5.81
N TYR A 111 32.72 18.63 -6.74
CA TYR A 111 32.23 19.99 -6.94
C TYR A 111 30.73 19.91 -6.78
N VAL A 112 30.19 20.86 -6.01
CA VAL A 112 28.76 20.90 -5.83
C VAL A 112 28.25 22.29 -6.20
N GLN A 113 27.35 22.32 -7.21
CA GLN A 113 26.80 23.56 -7.72
C GLN A 113 25.29 23.51 -7.56
N ALA A 114 24.70 24.50 -6.87
CA ALA A 114 23.25 24.52 -6.66
C ALA A 114 22.62 25.72 -7.28
N ASP A 115 21.33 25.59 -7.63
CA ASP A 115 20.50 26.72 -7.99
C ASP A 115 20.39 27.65 -6.75
N VAL A 116 19.89 28.85 -6.98
CA VAL A 116 19.91 29.94 -5.99
C VAL A 116 18.88 29.76 -4.85
N ASP A 117 17.91 28.86 -5.02
CA ASP A 117 16.91 28.69 -4.00
C ASP A 117 17.49 28.10 -2.70
N GLN A 118 16.82 28.41 -1.59
CA GLN A 118 17.14 27.82 -0.31
C GLN A 118 17.13 26.28 -0.44
N ARG A 119 16.12 25.72 -1.13
CA ARG A 119 15.98 24.29 -1.09
C ARG A 119 17.08 23.56 -1.86
N THR A 120 17.57 24.19 -2.90
CA THR A 120 18.68 23.64 -3.66
C THR A 120 20.07 23.86 -3.01
N ARG A 121 20.33 25.07 -2.50
CA ARG A 121 21.54 25.31 -1.70
C ARG A 121 21.68 24.35 -0.55
N LEU A 122 20.62 24.28 0.24
CA LEU A 122 20.69 23.51 1.47
C LEU A 122 20.75 22.01 1.11
N THR A 123 20.10 21.58 0.02
CA THR A 123 20.28 20.22 -0.43
C THR A 123 21.69 19.89 -0.85
N GLY A 124 22.33 20.83 -1.54
CA GLY A 124 23.73 20.63 -1.90
C GLY A 124 24.62 20.45 -0.64
N GLN A 125 24.40 21.27 0.37
CA GLN A 125 25.21 21.20 1.56
C GLN A 125 24.88 19.93 2.35
N ALA A 126 23.58 19.55 2.39
CA ALA A 126 23.19 18.35 3.15
C ALA A 126 23.80 17.12 2.49
N PHE A 127 23.93 17.16 1.18
CA PHE A 127 24.56 16.08 0.38
C PHE A 127 26.04 15.90 0.81
N LEU A 128 26.80 17.00 0.84
CA LEU A 128 28.21 17.00 1.23
C LEU A 128 28.38 16.48 2.63
N ASP A 129 27.52 16.94 3.54
CA ASP A 129 27.57 16.54 4.92
C ASP A 129 27.41 15.05 5.10
N GLY A 130 26.65 14.45 4.21
CA GLY A 130 26.49 13.00 4.12
C GLY A 130 27.61 12.23 3.45
N ILE A 131 28.08 12.72 2.31
CA ILE A 131 29.12 12.03 1.51
C ILE A 131 30.54 12.27 2.04
N ALA A 132 30.77 13.39 2.74
CA ALA A 132 32.10 13.80 3.23
C ALA A 132 31.97 14.58 4.56
N PRO A 133 31.38 13.94 5.58
CA PRO A 133 31.24 14.64 6.88
C PRO A 133 32.58 15.17 7.48
N ASP A 134 32.55 16.40 7.98
CA ASP A 134 33.69 17.06 8.67
C ASP A 134 34.88 17.15 7.73
N CYS A 135 34.63 17.53 6.47
CA CYS A 135 35.70 17.71 5.48
C CYS A 135 35.81 19.16 5.02
N GLY A 136 34.96 20.03 5.54
CA GLY A 136 34.97 21.45 5.16
C GLY A 136 34.54 21.76 3.73
N LEU A 137 33.87 20.82 3.09
CA LEU A 137 33.43 21.03 1.71
CA LEU A 137 33.41 21.03 1.70
C LEU A 137 32.16 21.89 1.70
N LYS A 138 31.99 22.68 0.64
CA LYS A 138 30.91 23.64 0.57
C LYS A 138 30.16 23.59 -0.77
N VAL A 139 28.86 23.75 -0.68
CA VAL A 139 28.06 24.05 -1.85
C VAL A 139 28.45 25.45 -2.44
N HIS A 140 28.36 25.53 -3.78
CA HIS A 140 28.65 26.72 -4.53
C HIS A 140 27.40 27.05 -5.33
N TYR A 141 27.27 28.32 -5.64
CA TYR A 141 26.12 28.83 -6.36
C TYR A 141 26.42 30.22 -6.91
N GLN A 142 25.53 30.66 -7.76
CA GLN A 142 25.61 31.95 -8.41
C GLN A 142 25.83 33.11 -7.42
N ALA A 143 26.71 34.05 -7.75
CA ALA A 143 27.04 35.18 -6.86
C ALA A 143 25.81 35.93 -6.33
N ASP A 144 24.86 36.24 -7.21
CA ASP A 144 23.71 37.02 -6.84
C ASP A 144 22.56 36.05 -6.69
N LEU A 145 22.15 35.75 -5.47
CA LEU A 145 20.95 34.98 -5.21
C LEU A 145 19.64 35.64 -5.54
N LYS A 146 19.64 36.94 -5.84
CA LYS A 146 18.38 37.63 -6.09
CA LYS A 146 18.40 37.69 -6.09
C LYS A 146 18.06 37.66 -7.59
N LYS A 147 18.86 36.97 -8.38
CA LYS A 147 18.65 36.84 -9.85
C LYS A 147 18.49 35.39 -10.19
N ILE A 148 17.78 35.11 -11.27
CA ILE A 148 17.67 33.74 -11.79
CA ILE A 148 17.73 33.70 -11.64
C ILE A 148 19.00 33.23 -12.31
N ASP A 149 19.24 31.90 -12.21
CA ASP A 149 20.41 31.29 -12.78
C ASP A 149 20.05 30.66 -14.12
N PRO A 150 20.63 31.16 -15.21
CA PRO A 150 20.24 30.61 -16.53
C PRO A 150 20.61 29.18 -16.76
N LEU A 151 21.51 28.59 -15.97
CA LEU A 151 21.79 27.19 -16.08
C LEU A 151 20.57 26.35 -15.70
N PHE A 152 19.82 26.79 -14.70
CA PHE A 152 18.72 26.04 -14.12
C PHE A 152 17.38 26.52 -14.69
N HIS A 153 17.33 27.77 -15.16
CA HIS A 153 16.13 28.40 -15.64
C HIS A 153 16.37 29.16 -16.93
N THR A 154 16.71 28.43 -18.00
CA THR A 154 17.25 28.96 -19.20
C THR A 154 16.27 29.88 -19.96
N VAL A 155 15.04 29.39 -20.12
CA VAL A 155 14.03 30.15 -20.82
C VAL A 155 13.64 31.36 -19.94
N GLU A 156 13.48 31.17 -18.66
CA GLU A 156 13.10 32.29 -17.74
CA GLU A 156 13.06 32.31 -17.81
C GLU A 156 14.09 33.45 -17.81
N ALA A 157 15.37 33.09 -17.92
CA ALA A 157 16.50 34.01 -18.01
C ALA A 157 16.57 34.70 -19.38
N GLY A 158 15.74 34.27 -20.34
CA GLY A 158 15.68 34.84 -21.67
C GLY A 158 16.78 34.38 -22.63
N VAL A 159 17.49 33.28 -22.29
CA VAL A 159 18.57 32.78 -23.17
C VAL A 159 18.00 32.50 -24.56
N CYS A 160 16.84 31.85 -24.57
CA CYS A 160 16.14 31.53 -25.82
C CYS A 160 14.63 31.50 -25.50
N LYS A 161 13.81 31.80 -26.51
CA LYS A 161 12.41 32.00 -26.30
C LYS A 161 11.62 30.77 -26.83
N LEU A 162 10.48 30.55 -26.24
CA LEU A 162 9.49 29.59 -26.76
C LEU A 162 8.51 30.31 -27.65
N ASP A 163 8.29 29.80 -28.85
CA ASP A 163 7.27 30.35 -29.70
C ASP A 163 5.91 29.77 -29.35
N PRO A 164 4.89 30.62 -29.19
CA PRO A 164 3.61 30.09 -28.70
C PRO A 164 3.01 28.99 -29.60
N GLU A 165 2.96 29.17 -30.92
CA GLU A 165 2.36 28.18 -31.83
CA GLU A 165 2.31 28.15 -31.75
C GLU A 165 3.13 26.87 -31.77
N LYS A 166 4.45 26.96 -31.88
CA LYS A 166 5.28 25.75 -31.83
C LYS A 166 5.11 25.00 -30.51
N THR A 167 4.91 25.74 -29.40
CA THR A 167 4.78 25.12 -28.13
C THR A 167 3.48 24.31 -28.06
N HIS A 168 2.39 24.95 -28.48
CA HIS A 168 1.08 24.28 -28.55
C HIS A 168 1.10 23.04 -29.44
N GLN A 169 1.73 23.16 -30.59
CA GLN A 169 1.83 22.04 -31.61
C GLN A 169 2.62 20.89 -30.99
N ALA A 170 3.72 21.22 -30.30
CA ALA A 170 4.58 20.21 -29.75
C ALA A 170 3.88 19.47 -28.64
N VAL A 171 3.17 20.17 -27.76
CA VAL A 171 2.53 19.54 -26.61
C VAL A 171 1.39 18.63 -27.20
N GLU A 172 0.65 19.08 -28.22
CA GLU A 172 -0.30 18.14 -28.94
C GLU A 172 0.38 16.86 -29.42
N LYS A 173 1.46 17.01 -30.12
CA LYS A 173 2.20 15.85 -30.59
C LYS A 173 2.59 14.91 -29.44
N ARG A 174 3.10 15.50 -28.31
CA ARG A 174 3.48 14.67 -27.19
C ARG A 174 2.30 13.88 -26.60
N LEU A 175 1.18 14.57 -26.44
CA LEU A 175 0.01 14.02 -25.80
C LEU A 175 -0.68 12.99 -26.74
N GLY A 176 -0.64 13.26 -28.02
CA GLY A 176 -1.41 12.44 -29.00
C GLY A 176 -2.78 12.99 -29.32
N GLY A 177 -3.02 14.25 -29.01
CA GLY A 177 -4.24 14.89 -29.38
C GLY A 177 -4.50 16.16 -28.60
N PRO A 178 -5.73 16.65 -28.63
CA PRO A 178 -6.07 17.90 -27.91
C PRO A 178 -6.14 17.74 -26.41
N LEU A 179 -5.99 18.85 -25.68
CA LEU A 179 -5.98 18.79 -24.23
C LEU A 179 -7.27 18.34 -23.58
N ASN A 180 -8.37 18.54 -24.28
CA ASN A 180 -9.69 18.16 -23.75
C ASN A 180 -9.78 16.64 -23.58
N GLU A 181 -8.90 15.89 -24.23
CA GLU A 181 -8.98 14.42 -24.09
C GLU A 181 -8.33 13.94 -22.82
N LEU A 182 -7.70 14.85 -22.04
CA LEU A 182 -7.10 14.45 -20.79
C LEU A 182 -8.14 13.88 -19.83
N SER A 183 -9.36 14.38 -19.90
CA SER A 183 -10.40 13.94 -18.96
CA SER A 183 -10.43 13.96 -18.99
C SER A 183 -10.71 12.46 -19.09
N GLN A 184 -10.62 11.95 -20.32
CA GLN A 184 -10.83 10.52 -20.55
C GLN A 184 -9.54 9.71 -20.29
N ARG A 185 -8.42 10.19 -20.79
CA ARG A 185 -7.16 9.51 -20.65
C ARG A 185 -6.83 9.25 -19.17
N TYR A 186 -7.17 10.23 -18.33
CA TYR A 186 -6.90 10.15 -16.87
C TYR A 186 -8.22 10.15 -16.08
N ALA A 187 -9.25 9.52 -16.64
CA ALA A 187 -10.53 9.47 -15.96
C ALA A 187 -10.45 8.91 -14.53
N LYS A 188 -9.83 7.74 -14.37
CA LYS A 188 -9.82 7.11 -13.03
C LYS A 188 -8.94 7.95 -12.08
N PRO A 189 -7.73 8.37 -12.47
CA PRO A 189 -6.99 9.25 -11.54
C PRO A 189 -7.72 10.52 -11.15
N PHE A 190 -8.40 11.15 -12.09
CA PHE A 190 -9.14 12.37 -11.75
C PHE A 190 -10.29 12.02 -10.79
N ALA A 191 -10.99 10.92 -11.01
CA ALA A 191 -12.05 10.57 -10.09
C ALA A 191 -11.51 10.32 -8.68
N LEU A 192 -10.36 9.66 -8.63
CA LEU A 192 -9.73 9.41 -7.35
C LEU A 192 -9.36 10.73 -6.68
N MET A 193 -8.76 11.66 -7.42
CA MET A 193 -8.47 12.99 -6.82
C MET A 193 -9.67 13.64 -6.26
N GLY A 194 -10.80 13.59 -6.97
CA GLY A 194 -12.02 14.22 -6.46
C GLY A 194 -12.46 13.56 -5.16
N GLU A 195 -12.32 12.24 -5.07
CA GLU A 195 -12.62 11.49 -3.86
C GLU A 195 -11.71 11.90 -2.68
N VAL A 196 -10.44 11.98 -2.97
CA VAL A 196 -9.48 12.31 -1.94
C VAL A 196 -9.81 13.71 -1.37
N LEU A 197 -10.15 14.60 -2.28
CA LEU A 197 -10.52 15.99 -1.90
C LEU A 197 -11.84 16.11 -1.25
N ASN A 198 -12.70 15.10 -1.43
CA ASN A 198 -14.12 15.26 -1.15
C ASN A 198 -14.63 16.50 -1.89
N PHE A 199 -14.33 16.52 -3.19
CA PHE A 199 -14.67 17.64 -4.07
C PHE A 199 -16.15 17.96 -4.15
N SER A 200 -17.02 16.94 -4.07
CA SER A 200 -18.46 17.13 -4.19
C SER A 200 -19.03 18.01 -3.06
N ALA A 201 -18.29 18.08 -1.96
CA ALA A 201 -18.66 18.88 -0.79
C ALA A 201 -17.92 20.22 -0.68
N SER A 202 -17.18 20.57 -1.73
CA SER A 202 -16.26 21.73 -1.74
C SER A 202 -16.99 23.02 -2.18
N PRO A 203 -16.41 24.18 -1.79
CA PRO A 203 -16.88 25.46 -2.30
C PRO A 203 -16.85 25.52 -3.84
N TYR A 204 -15.83 24.95 -4.48
CA TYR A 204 -15.74 25.03 -5.93
C TYR A 204 -16.92 24.28 -6.55
N CYS A 205 -17.20 23.08 -6.03
CA CYS A 205 -18.33 22.33 -6.54
C CYS A 205 -19.67 23.05 -6.35
N ASN A 206 -19.87 23.67 -5.19
CA ASN A 206 -21.04 24.43 -4.99
C ASN A 206 -21.16 25.59 -6.02
N SER A 207 -20.03 26.24 -6.34
CA SER A 207 -20.05 27.34 -7.32
C SER A 207 -20.46 26.80 -8.70
N LEU A 208 -20.08 25.56 -9.01
CA LEU A 208 -20.56 24.95 -10.26
C LEU A 208 -22.05 24.63 -10.24
N GLN A 209 -22.51 24.04 -9.13
CA GLN A 209 -23.91 23.68 -8.93
C GLN A 209 -24.82 24.90 -8.98
N GLN A 210 -24.33 26.03 -8.48
CA GLN A 210 -25.14 27.24 -8.45
C GLN A 210 -25.34 27.82 -9.87
N LYS A 211 -24.39 27.52 -10.76
CA LYS A 211 -24.49 27.85 -12.20
C LYS A 211 -25.17 26.71 -12.98
N GLY A 212 -25.67 25.69 -12.31
CA GLY A 212 -26.33 24.55 -12.97
C GLY A 212 -25.38 23.55 -13.65
N LYS A 213 -24.12 23.50 -13.23
CA LYS A 213 -23.17 22.52 -13.75
C LYS A 213 -22.93 21.37 -12.77
N ALA A 214 -22.65 20.18 -13.29
CA ALA A 214 -22.33 19.01 -12.46
C ALA A 214 -20.93 19.17 -11.91
N CYS A 215 -20.62 18.42 -10.86
CA CYS A 215 -19.30 18.47 -10.26
C CYS A 215 -18.40 17.33 -10.65
N ASP A 216 -18.05 17.28 -11.90
CA ASP A 216 -17.09 16.32 -12.38
C ASP A 216 -15.70 16.91 -12.22
N PHE A 217 -14.87 16.33 -11.33
CA PHE A 217 -13.56 16.88 -11.05
C PHE A 217 -12.67 17.01 -12.31
N ALA A 218 -12.66 15.96 -13.16
CA ALA A 218 -11.89 15.98 -14.37
C ALA A 218 -12.12 17.21 -15.28
N THR A 219 -13.35 17.77 -15.24
CA THR A 219 -13.74 18.83 -16.13
C THR A 219 -14.18 20.07 -15.35
N PHE A 220 -13.60 20.30 -14.18
CA PHE A 220 -14.02 21.49 -13.39
C PHE A 220 -13.76 22.80 -14.12
N ALA A 221 -12.74 22.78 -14.95
CA ALA A 221 -12.35 23.87 -15.85
C ALA A 221 -11.60 23.22 -17.02
N ALA A 222 -11.36 24.04 -18.03
CA ALA A 222 -10.54 23.59 -19.17
C ALA A 222 -9.07 23.46 -18.81
N ASN A 223 -8.39 22.51 -19.46
CA ASN A 223 -6.94 22.44 -19.45
C ASN A 223 -6.47 23.42 -20.55
N GLU A 224 -5.62 24.37 -20.20
CA GLU A 224 -5.19 25.43 -21.15
C GLU A 224 -3.72 25.71 -20.94
N ILE A 225 -3.00 25.85 -22.05
CA ILE A 225 -1.60 26.24 -22.07
C ILE A 225 -1.50 27.70 -22.51
N GLU A 226 -0.66 28.44 -21.78
CA GLU A 226 -0.42 29.88 -22.05
C GLU A 226 1.12 30.08 -22.15
N VAL A 227 1.63 30.52 -23.32
CA VAL A 227 2.98 31.07 -23.46
C VAL A 227 2.84 32.58 -23.40
N ASN A 228 3.61 33.21 -22.53
CA ASN A 228 3.56 34.66 -22.42
C ASN A 228 4.10 35.33 -23.66
N LYS A 229 3.84 36.62 -23.80
CA LYS A 229 4.16 37.28 -25.07
C LYS A 229 5.67 37.38 -25.33
N GLU A 230 6.46 37.35 -24.24
CA GLU A 230 7.91 37.44 -24.33
C GLU A 230 8.52 36.04 -24.72
N GLY A 231 7.70 34.98 -24.65
CA GLY A 231 8.26 33.63 -24.86
C GLY A 231 9.20 33.16 -23.75
N THR A 232 9.06 33.73 -22.55
CA THR A 232 9.91 33.35 -21.41
C THR A 232 9.22 32.52 -20.30
N LYS A 233 7.96 32.19 -20.51
CA LYS A 233 7.22 31.33 -19.57
C LYS A 233 6.15 30.57 -20.32
N VAL A 234 6.01 29.32 -19.96
CA VAL A 234 4.91 28.49 -20.41
C VAL A 234 4.25 27.95 -19.16
N SER A 235 2.93 28.04 -19.15
CA SER A 235 2.16 27.66 -17.96
C SER A 235 0.98 26.78 -18.40
N LEU A 236 0.59 25.89 -17.52
CA LEU A 236 -0.60 25.08 -17.69
C LEU A 236 -1.56 25.44 -16.54
N SER A 237 -2.82 25.63 -16.89
CA SER A 237 -3.90 25.81 -15.94
C SER A 237 -4.97 24.75 -16.10
N GLY A 238 -5.74 24.55 -15.04
CA GLY A 238 -6.89 23.65 -15.13
C GLY A 238 -6.68 22.36 -14.35
N PRO A 239 -7.56 21.36 -14.58
CA PRO A 239 -7.54 20.19 -13.71
C PRO A 239 -6.25 19.38 -13.65
N LEU A 240 -5.59 19.15 -14.78
CA LEU A 240 -4.32 18.46 -14.74
C LEU A 240 -3.25 19.24 -13.89
N ALA A 241 -3.12 20.53 -14.20
CA ALA A 241 -2.16 21.37 -13.45
C ALA A 241 -2.39 21.32 -11.96
N LEU A 242 -3.61 21.55 -11.56
CA LEU A 242 -3.99 21.50 -10.15
C LEU A 242 -3.67 20.12 -9.52
N SER A 243 -4.06 19.07 -10.24
CA SER A 243 -3.90 17.72 -9.73
C SER A 243 -2.42 17.32 -9.59
N SER A 244 -1.58 17.85 -10.49
CA SER A 244 -0.17 17.64 -10.41
C SER A 244 0.44 18.24 -9.12
N THR A 245 -0.03 19.43 -8.81
CA THR A 245 0.39 20.10 -7.59
CA THR A 245 0.43 20.09 -7.58
C THR A 245 -0.12 19.38 -6.33
N LEU A 246 -1.39 19.06 -6.32
CA LEU A 246 -1.96 18.48 -5.11
C LEU A 246 -1.38 17.10 -4.82
N GLY A 247 -1.22 16.29 -5.87
CA GLY A 247 -0.64 14.97 -5.65
C GLY A 247 0.77 15.05 -5.01
N GLU A 248 1.56 16.00 -5.50
CA GLU A 248 2.87 16.27 -4.90
C GLU A 248 2.77 16.67 -3.46
N ILE A 249 1.79 17.50 -3.15
CA ILE A 249 1.59 17.88 -1.75
C ILE A 249 1.37 16.69 -0.85
N PHE A 250 0.47 15.78 -1.28
CA PHE A 250 0.25 14.58 -0.50
C PHE A 250 1.54 13.76 -0.34
N LEU A 251 2.28 13.58 -1.41
CA LEU A 251 3.51 12.84 -1.35
CA LEU A 251 3.54 12.84 -1.35
C LEU A 251 4.54 13.51 -0.38
N LEU A 252 4.59 14.83 -0.44
CA LEU A 252 5.42 15.56 0.54
C LEU A 252 4.97 15.39 1.96
N GLN A 253 3.66 15.47 2.22
CA GLN A 253 3.14 15.23 3.54
C GLN A 253 3.64 13.85 4.05
N ASN A 254 3.56 12.86 3.18
CA ASN A 254 3.91 11.52 3.60
C ASN A 254 5.38 11.42 3.87
N SER A 255 6.16 12.05 3.00
CA SER A 255 7.64 12.06 3.07
C SER A 255 8.17 12.85 4.31
N GLN A 256 7.38 13.80 4.78
CA GLN A 256 7.70 14.64 5.94
C GLN A 256 7.32 13.91 7.26
N ALA A 257 6.65 12.75 7.11
CA ALA A 257 6.16 11.96 8.22
C ALA A 257 5.04 12.66 9.03
N MET A 258 4.20 13.43 8.32
CA MET A 258 3.06 14.03 8.95
CA MET A 258 3.02 14.05 8.91
C MET A 258 2.07 12.92 9.26
N PRO A 259 1.40 13.01 10.41
CA PRO A 259 0.53 11.94 10.85
C PRO A 259 -0.66 11.70 9.91
N ASP A 260 -1.31 12.77 9.42
CA ASP A 260 -2.47 12.65 8.60
C ASP A 260 -2.19 13.17 7.20
N VAL A 261 -2.10 12.23 6.28
CA VAL A 261 -1.84 12.53 4.93
C VAL A 261 -3.13 12.54 4.11
N ALA A 262 -3.41 13.57 3.34
CA ALA A 262 -4.63 13.63 2.51
C ALA A 262 -5.88 13.25 3.31
N TRP A 263 -6.02 13.75 4.54
CA TRP A 263 -7.18 13.58 5.38
C TRP A 263 -7.54 12.11 5.54
N ASN A 264 -6.52 11.25 5.58
CA ASN A 264 -6.72 9.81 5.73
C ASN A 264 -7.59 9.19 4.62
N ARG A 265 -7.61 9.82 3.44
CA ARG A 265 -8.46 9.35 2.35
C ARG A 265 -7.63 8.81 1.22
N LEU A 266 -6.35 8.61 1.43
CA LEU A 266 -5.47 8.09 0.38
C LEU A 266 -4.62 6.96 0.92
N SER A 267 -4.96 5.72 0.49
CA SER A 267 -4.28 4.53 1.01
C SER A 267 -4.14 3.56 -0.17
N GLY A 268 -3.02 2.87 -0.19
CA GLY A 268 -2.79 1.78 -1.14
C GLY A 268 -1.86 2.14 -2.26
N GLU A 269 -1.04 1.17 -2.64
CA GLU A 269 0.04 1.47 -3.56
C GLU A 269 -0.52 1.88 -4.93
N GLU A 270 -1.54 1.20 -5.41
CA GLU A 270 -2.04 1.54 -6.74
C GLU A 270 -2.75 2.89 -6.76
N ASN A 271 -3.45 3.22 -5.69
CA ASN A 271 -4.05 4.57 -5.57
C ASN A 271 -2.99 5.64 -5.61
N TRP A 272 -1.90 5.44 -4.87
CA TRP A 272 -0.78 6.37 -4.96
C TRP A 272 -0.21 6.51 -6.37
N ILE A 273 -0.02 5.38 -7.07
CA ILE A 273 0.47 5.46 -8.39
C ILE A 273 -0.51 6.19 -9.31
N SER A 274 -1.74 5.86 -9.21
CA SER A 274 -2.79 6.43 -10.08
C SER A 274 -2.85 7.97 -9.83
N LEU A 275 -2.90 8.37 -8.58
CA LEU A 275 -3.03 9.81 -8.25
C LEU A 275 -1.82 10.58 -8.78
N LEU A 276 -0.61 10.06 -8.55
CA LEU A 276 0.60 10.71 -9.00
C LEU A 276 0.84 10.64 -10.51
N SER A 277 0.11 9.79 -11.19
CA SER A 277 0.20 9.76 -12.63
C SER A 277 -0.25 11.06 -13.27
N LEU A 278 -1.14 11.79 -12.59
CA LEU A 278 -1.53 13.12 -13.06
C LEU A 278 -0.31 14.08 -13.03
N HIS A 279 0.40 14.05 -11.90
CA HIS A 279 1.66 14.82 -11.72
C HIS A 279 2.68 14.45 -12.79
N ASN A 280 2.87 13.15 -13.01
CA ASN A 280 3.83 12.74 -13.98
C ASN A 280 3.44 13.09 -15.42
N ALA A 281 2.15 13.07 -15.70
CA ALA A 281 1.65 13.47 -16.99
C ALA A 281 1.86 14.94 -17.24
N GLN A 282 1.61 15.72 -16.20
CA GLN A 282 1.82 17.16 -16.32
C GLN A 282 3.30 17.45 -16.60
N PHE A 283 4.21 16.75 -15.93
CA PHE A 283 5.65 16.92 -16.21
C PHE A 283 6.02 16.43 -17.60
N ASP A 284 5.39 15.33 -18.04
CA ASP A 284 5.66 14.88 -19.41
C ASP A 284 5.28 15.94 -20.43
N LEU A 285 4.09 16.49 -20.32
CA LEU A 285 3.61 17.45 -21.31
C LEU A 285 4.38 18.80 -21.21
N MET A 286 4.56 19.29 -19.98
CA MET A 286 5.09 20.61 -19.82
C MET A 286 6.61 20.72 -19.74
N ALA A 287 7.26 19.62 -19.44
CA ALA A 287 8.66 19.61 -19.23
C ALA A 287 9.45 18.63 -20.09
N LYS A 288 8.75 17.58 -20.57
CA LYS A 288 9.47 16.58 -21.42
C LYS A 288 9.20 16.67 -22.91
N THR A 289 8.11 17.28 -23.36
CA THR A 289 7.87 17.58 -24.73
C THR A 289 9.12 18.16 -25.39
N PRO A 290 9.70 17.50 -26.39
CA PRO A 290 11.06 17.87 -26.74
C PRO A 290 11.26 19.37 -27.12
N TYR A 291 10.30 19.98 -27.80
CA TYR A 291 10.45 21.42 -28.17
C TYR A 291 10.73 22.19 -26.87
N ILE A 292 9.97 21.93 -25.85
CA ILE A 292 10.14 22.67 -24.57
C ILE A 292 11.42 22.19 -23.85
N ALA A 293 11.58 20.88 -23.80
CA ALA A 293 12.71 20.32 -23.08
C ALA A 293 14.07 20.77 -23.62
N ARG A 294 14.21 20.83 -24.93
CA ARG A 294 15.48 21.20 -25.57
C ARG A 294 15.76 22.68 -25.36
N HIS A 295 14.72 23.47 -25.33
CA HIS A 295 14.92 24.95 -25.05
C HIS A 295 15.32 25.15 -23.61
N LYS A 296 14.64 24.47 -22.68
CA LYS A 296 14.90 24.64 -21.24
C LYS A 296 16.14 23.90 -20.79
N GLY A 297 16.45 22.80 -21.44
CA GLY A 297 17.48 21.87 -20.91
C GLY A 297 18.83 21.90 -21.55
N THR A 298 19.02 22.72 -22.59
CA THR A 298 20.28 22.67 -23.32
C THR A 298 21.48 22.97 -22.39
N PRO A 299 21.40 24.05 -21.61
CA PRO A 299 22.58 24.36 -20.77
C PRO A 299 22.93 23.25 -19.78
N LEU A 300 21.92 22.66 -19.16
CA LEU A 300 22.19 21.59 -18.18
C LEU A 300 22.72 20.34 -18.88
N LEU A 301 22.17 20.03 -20.06
CA LEU A 301 22.70 18.85 -20.76
C LEU A 301 24.16 19.05 -21.15
N GLN A 302 24.47 20.22 -21.65
CA GLN A 302 25.85 20.51 -21.96
C GLN A 302 26.76 20.51 -20.73
N GLN A 303 26.28 21.04 -19.62
CA GLN A 303 27.11 21.07 -18.39
C GLN A 303 27.35 19.65 -17.88
N ILE A 304 26.31 18.82 -17.94
CA ILE A 304 26.43 17.42 -17.58
C ILE A 304 27.44 16.73 -18.45
N ASP A 305 27.27 16.91 -19.76
CA ASP A 305 28.11 16.17 -20.72
C ASP A 305 29.57 16.54 -20.61
N THR A 306 29.80 17.85 -20.53
CA THR A 306 31.16 18.39 -20.51
C THR A 306 31.86 18.11 -19.20
N ALA A 307 31.12 18.09 -18.09
CA ALA A 307 31.69 17.72 -16.78
C ALA A 307 32.03 16.24 -16.82
N LEU A 308 31.15 15.45 -17.41
CA LEU A 308 31.29 14.00 -17.35
C LEU A 308 32.56 13.56 -18.04
N VAL A 309 32.83 14.16 -19.19
CA VAL A 309 34.03 13.78 -19.97
C VAL A 309 35.24 14.64 -19.57
N LEU A 310 34.95 15.63 -18.74
CA LEU A 310 35.90 16.61 -18.23
C LEU A 310 36.67 17.35 -19.35
N GLN A 311 35.85 18.00 -20.18
CA GLN A 311 36.31 18.90 -21.22
C GLN A 311 36.15 20.28 -20.60
N ARG A 312 37.15 20.71 -19.84
CA ARG A 312 36.97 21.85 -18.93
C ARG A 312 36.78 23.21 -19.64
N ASP A 313 37.31 23.32 -20.85
CA ASP A 313 37.13 24.56 -21.62
C ASP A 313 36.16 24.45 -22.77
N ALA A 314 35.41 23.38 -22.86
CA ALA A 314 34.42 23.28 -23.92
C ALA A 314 33.24 24.22 -23.65
N GLN A 315 32.61 24.62 -24.74
CA GLN A 315 31.37 25.42 -24.68
C GLN A 315 30.26 24.68 -23.89
N GLY A 316 29.68 25.39 -22.88
CA GLY A 316 28.70 24.82 -22.01
C GLY A 316 29.22 24.33 -20.66
N GLN A 317 30.54 24.28 -20.52
CA GLN A 317 31.16 23.95 -19.25
C GLN A 317 31.38 25.26 -18.49
N THR A 318 30.54 25.50 -17.48
CA THR A 318 30.42 26.81 -16.87
C THR A 318 31.10 26.90 -15.53
N LEU A 319 31.64 25.81 -15.06
CA LEU A 319 32.09 25.69 -13.64
C LEU A 319 33.59 25.52 -13.48
N PRO A 320 34.17 26.01 -12.37
CA PRO A 320 35.64 25.97 -12.23
C PRO A 320 36.09 24.61 -11.77
N LEU A 321 35.96 23.64 -12.67
CA LEU A 321 36.30 22.27 -12.38
C LEU A 321 37.80 22.07 -12.50
N SER A 322 38.30 21.15 -11.70
CA SER A 322 39.71 20.86 -11.71
C SER A 322 39.99 19.56 -12.50
N PRO A 323 41.23 19.36 -12.96
CA PRO A 323 41.54 18.09 -13.65
C PRO A 323 41.29 16.82 -12.81
N GLN A 324 41.28 16.97 -11.48
CA GLN A 324 41.04 15.87 -10.56
C GLN A 324 39.57 15.67 -10.22
N THR A 325 38.69 16.42 -10.85
CA THR A 325 37.26 16.27 -10.63
C THR A 325 36.79 14.82 -10.87
N LYS A 326 36.14 14.23 -9.87
CA LYS A 326 35.54 12.89 -9.96
C LYS A 326 34.02 12.86 -9.92
N LEU A 327 33.44 13.88 -9.28
CA LEU A 327 32.04 13.94 -9.01
C LEU A 327 31.54 15.38 -8.99
N LEU A 328 30.57 15.67 -9.85
CA LEU A 328 29.85 16.94 -9.88
C LEU A 328 28.45 16.63 -9.42
N PHE A 329 27.98 17.37 -8.41
CA PHE A 329 26.59 17.33 -7.99
C PHE A 329 25.94 18.66 -8.40
N LEU A 330 24.80 18.53 -9.09
CA LEU A 330 23.99 19.67 -9.53
C LEU A 330 22.70 19.67 -8.76
N GLY A 331 22.49 20.69 -7.90
CA GLY A 331 21.35 20.77 -7.02
C GLY A 331 20.25 21.57 -7.76
N GLY A 332 19.32 20.85 -8.37
CA GLY A 332 18.21 21.44 -9.16
C GLY A 332 16.82 20.94 -8.79
N HIS A 333 15.98 20.85 -9.83
CA HIS A 333 14.56 20.73 -9.67
C HIS A 333 14.04 19.54 -10.48
N ASP A 334 12.84 19.13 -10.13
CA ASP A 334 12.14 18.10 -10.95
C ASP A 334 12.06 18.52 -12.40
N THR A 335 11.84 19.80 -12.66
CA THR A 335 11.70 20.26 -14.03
C THR A 335 13.00 20.04 -14.80
N ASN A 336 14.13 20.18 -14.13
CA ASN A 336 15.41 19.98 -14.78
C ASN A 336 15.61 18.53 -15.18
N ILE A 337 15.33 17.65 -14.23
CA ILE A 337 15.43 16.23 -14.53
C ILE A 337 14.52 15.87 -15.74
N ALA A 338 13.28 16.35 -15.68
CA ALA A 338 12.31 16.09 -16.75
C ALA A 338 12.83 16.65 -18.10
N ASN A 339 13.36 17.87 -18.12
CA ASN A 339 13.84 18.45 -19.34
C ASN A 339 14.93 17.54 -19.92
N ILE A 340 15.85 17.12 -19.09
CA ILE A 340 16.96 16.25 -19.56
C ILE A 340 16.40 14.95 -20.11
N ALA A 341 15.44 14.38 -19.40
CA ALA A 341 14.86 13.08 -19.79
C ALA A 341 14.12 13.24 -21.09
N GLY A 342 13.41 14.38 -21.29
CA GLY A 342 12.75 14.63 -22.55
C GLY A 342 13.69 14.81 -23.73
N MET A 343 14.83 15.47 -23.54
CA MET A 343 15.84 15.64 -24.59
C MET A 343 16.40 14.27 -24.98
N LEU A 344 16.66 13.46 -23.96
CA LEU A 344 17.32 12.13 -24.17
C LEU A 344 16.33 11.01 -24.47
N GLY A 345 15.04 11.30 -24.58
CA GLY A 345 14.05 10.28 -24.97
C GLY A 345 13.93 9.23 -23.87
N ALA A 346 14.15 9.63 -22.60
CA ALA A 346 14.11 8.72 -21.47
C ALA A 346 12.78 8.73 -20.79
N ASN A 347 12.28 7.55 -20.44
CA ASN A 347 11.02 7.45 -19.73
C ASN A 347 11.16 6.30 -18.74
N TRP A 348 10.62 6.48 -17.53
CA TRP A 348 10.77 5.48 -16.50
C TRP A 348 9.56 5.48 -15.55
N GLN A 349 9.52 4.41 -14.76
CA GLN A 349 8.63 4.29 -13.60
CA GLN A 349 8.62 4.29 -13.60
C GLN A 349 9.49 3.78 -12.45
N LEU A 350 9.30 4.34 -11.25
CA LEU A 350 10.11 3.99 -10.11
C LEU A 350 9.32 3.10 -9.13
N PRO A 351 9.76 1.85 -8.94
CA PRO A 351 9.05 1.04 -7.98
C PRO A 351 9.10 1.66 -6.60
N GLN A 352 7.93 1.68 -5.97
CA GLN A 352 7.66 2.19 -4.63
C GLN A 352 7.92 3.70 -4.51
N GLN A 353 7.87 4.41 -5.63
CA GLN A 353 7.99 5.87 -5.61
C GLN A 353 7.15 6.41 -6.76
N PRO A 354 5.93 6.82 -6.48
CA PRO A 354 5.01 7.18 -7.55
C PRO A 354 5.29 8.48 -8.27
N ASP A 355 6.18 9.32 -7.71
CA ASP A 355 6.65 10.51 -8.45
C ASP A 355 7.88 10.15 -9.24
N ASN A 356 7.82 10.32 -10.55
CA ASN A 356 8.99 10.02 -11.37
C ASN A 356 10.23 10.87 -11.05
N THR A 357 9.98 12.05 -10.48
CA THR A 357 11.07 13.01 -10.18
C THR A 357 10.98 13.32 -8.67
N PRO A 358 11.21 12.32 -7.81
CA PRO A 358 10.84 12.40 -6.40
C PRO A 358 11.78 13.28 -5.59
N PRO A 359 11.32 13.68 -4.40
CA PRO A 359 12.18 14.43 -3.50
C PRO A 359 13.45 13.69 -3.22
N GLY A 360 14.55 14.39 -3.36
CA GLY A 360 15.83 13.88 -3.08
C GLY A 360 16.37 12.92 -4.17
N GLY A 361 15.57 12.62 -5.21
CA GLY A 361 16.03 11.71 -6.24
C GLY A 361 17.04 12.35 -7.20
N GLY A 362 17.93 11.52 -7.71
CA GLY A 362 18.98 12.02 -8.59
C GLY A 362 19.03 11.22 -9.88
N LEU A 363 19.13 11.95 -10.98
CA LEU A 363 19.44 11.35 -12.27
C LEU A 363 21.00 11.36 -12.39
N VAL A 364 21.60 10.17 -12.36
CA VAL A 364 23.01 9.96 -12.22
C VAL A 364 23.61 9.50 -13.55
N PHE A 365 24.67 10.20 -13.95
CA PHE A 365 25.44 9.86 -15.18
C PHE A 365 26.78 9.35 -14.77
N GLU A 366 27.14 8.15 -15.22
CA GLU A 366 28.38 7.47 -14.86
C GLU A 366 29.24 7.27 -16.13
N LEU A 367 30.52 7.61 -16.06
CA LEU A 367 31.44 7.32 -17.15
C LEU A 367 32.22 6.09 -16.73
N TRP A 368 32.08 4.99 -17.51
CA TRP A 368 32.83 3.76 -17.30
C TRP A 368 33.86 3.52 -18.41
N GLN A 369 34.93 2.85 -18.08
CA GLN A 369 35.92 2.44 -19.10
C GLN A 369 36.28 0.97 -18.98
N ASN A 370 36.34 0.32 -20.14
CA ASN A 370 36.90 -1.04 -20.27
C ASN A 370 38.41 -0.84 -20.30
N PRO A 371 39.13 -1.31 -19.25
CA PRO A 371 40.58 -1.03 -19.25
C PRO A 371 41.34 -1.82 -20.32
N ASP A 372 40.73 -2.90 -20.79
CA ASP A 372 41.33 -3.76 -21.81
C ASP A 372 41.48 -3.08 -23.15
N ASN A 373 40.37 -2.52 -23.64
CA ASN A 373 40.38 -1.90 -24.96
C ASN A 373 40.24 -0.38 -24.92
N HIS A 374 40.15 0.19 -23.72
CA HIS A 374 39.96 1.64 -23.53
C HIS A 374 38.60 2.20 -23.99
N GLN A 375 37.66 1.35 -24.42
CA GLN A 375 36.35 1.86 -24.78
C GLN A 375 35.63 2.47 -23.56
N ARG A 376 35.06 3.66 -23.71
CA ARG A 376 34.31 4.29 -22.64
CA ARG A 376 34.31 4.30 -22.64
C ARG A 376 32.80 4.23 -22.91
N TYR A 377 32.02 4.26 -21.83
CA TYR A 377 30.57 4.07 -21.86
C TYR A 377 29.91 5.01 -20.87
N VAL A 378 28.70 5.42 -21.18
CA VAL A 378 27.88 6.21 -20.27
C VAL A 378 26.73 5.34 -19.81
N ALA A 379 26.49 5.42 -18.51
CA ALA A 379 25.34 4.76 -17.90
C ALA A 379 24.55 5.85 -17.23
N VAL A 380 23.24 5.69 -17.29
CA VAL A 380 22.30 6.64 -16.66
C VAL A 380 21.36 5.88 -15.71
N LYS A 381 21.19 6.42 -14.49
CA LYS A 381 20.41 5.76 -13.43
C LYS A 381 19.60 6.80 -12.67
N MET A 382 18.41 6.43 -12.20
CA MET A 382 17.71 7.20 -11.15
C MET A 382 18.07 6.56 -9.81
N PHE A 383 18.63 7.35 -8.90
CA PHE A 383 18.86 6.93 -7.50
C PHE A 383 17.80 7.62 -6.62
N TYR A 384 17.11 6.88 -5.80
CA TYR A 384 16.02 7.48 -5.01
C TYR A 384 15.67 6.65 -3.77
N GLN A 385 15.03 7.34 -2.83
CA GLN A 385 14.39 6.75 -1.67
C GLN A 385 12.93 6.43 -1.97
N THR A 386 12.48 5.24 -1.54
CA THR A 386 11.07 4.89 -1.70
C THR A 386 10.23 5.75 -0.78
N MET A 387 8.93 5.69 -0.94
CA MET A 387 8.02 6.41 0.00
C MET A 387 8.34 6.03 1.42
N GLU A 388 8.46 4.73 1.69
CA GLU A 388 8.70 4.22 3.03
C GLU A 388 10.06 4.70 3.54
N GLN A 389 11.10 4.68 2.71
CA GLN A 389 12.42 5.16 3.14
C GLN A 389 12.45 6.61 3.53
N LEU A 390 11.64 7.40 2.84
CA LEU A 390 11.50 8.82 3.22
C LEU A 390 10.69 8.99 4.50
N ARG A 391 9.51 8.34 4.56
CA ARG A 391 8.63 8.47 5.72
C ARG A 391 9.28 8.02 7.03
N ASN A 392 10.03 6.93 6.98
CA ASN A 392 10.65 6.34 8.14
C ASN A 392 12.10 6.74 8.37
N ALA A 393 12.62 7.60 7.50
CA ALA A 393 13.98 8.16 7.59
C ALA A 393 14.99 7.00 7.81
N ASP A 394 14.85 6.00 6.95
CA ASP A 394 15.65 4.77 7.04
C ASP A 394 17.13 5.05 6.87
N LYS A 395 17.99 4.52 7.73
CA LYS A 395 19.42 4.58 7.46
CA LYS A 395 19.43 4.55 7.48
C LYS A 395 19.68 3.66 6.26
N LEU A 396 20.51 4.11 5.34
CA LEU A 396 20.73 3.44 4.05
C LEU A 396 22.10 2.78 4.06
N ASP A 397 22.23 1.66 3.35
CA ASP A 397 23.50 0.93 3.24
C ASP A 397 23.42 0.07 1.99
N LEU A 398 24.59 -0.37 1.55
CA LEU A 398 24.71 -1.12 0.30
C LEU A 398 23.95 -2.44 0.31
N LYS A 399 23.89 -3.10 1.46
CA LYS A 399 23.46 -4.51 1.55
C LYS A 399 22.00 -4.71 1.99
N ASN A 400 21.70 -4.25 3.20
CA ASN A 400 20.45 -4.54 3.87
C ASN A 400 19.32 -3.62 3.43
N ASN A 401 19.58 -2.32 3.32
CA ASN A 401 18.54 -1.34 2.94
C ASN A 401 19.13 -0.23 2.06
N PRO A 402 19.33 -0.54 0.77
CA PRO A 402 19.93 0.41 -0.12
C PRO A 402 18.90 1.37 -0.66
N ALA A 403 19.35 2.56 -1.02
CA ALA A 403 18.54 3.41 -1.90
C ALA A 403 18.28 2.58 -3.17
N ARG A 404 17.18 2.89 -3.84
CA ARG A 404 16.84 2.23 -5.09
C ARG A 404 17.59 2.84 -6.25
N ILE A 405 17.98 1.99 -7.19
CA ILE A 405 18.76 2.37 -8.33
C ILE A 405 18.11 1.73 -9.55
N VAL A 406 17.65 2.55 -10.49
CA VAL A 406 16.94 2.10 -11.69
C VAL A 406 17.71 2.55 -12.94
N PRO A 407 18.24 1.59 -13.70
CA PRO A 407 18.91 1.97 -14.93
C PRO A 407 17.92 2.57 -15.95
N ILE A 408 18.38 3.59 -16.67
CA ILE A 408 17.54 4.37 -17.56
C ILE A 408 18.03 4.20 -19.01
N ALA A 409 17.11 3.78 -19.89
CA ALA A 409 17.40 3.66 -21.31
C ALA A 409 17.41 5.04 -21.96
N ILE A 410 18.32 5.23 -22.92
CA ILE A 410 18.47 6.50 -23.63
C ILE A 410 18.12 6.25 -25.10
N GLU A 411 17.23 7.05 -25.67
CA GLU A 411 16.81 6.85 -27.06
C GLU A 411 17.99 7.01 -28.03
N GLY A 412 18.14 6.08 -28.97
CA GLY A 412 19.27 6.07 -29.91
C GLY A 412 20.64 5.59 -29.39
N CYS A 413 20.69 5.09 -28.16
CA CYS A 413 21.93 4.62 -27.57
C CYS A 413 21.86 3.08 -27.62
N GLU A 414 22.97 2.42 -27.34
CA GLU A 414 23.01 0.96 -27.42
C GLU A 414 22.19 0.29 -26.30
N ASN A 415 22.09 0.93 -25.14
CA ASN A 415 21.30 0.41 -23.98
C ASN A 415 21.64 -1.04 -23.72
N GLU A 416 22.93 -1.33 -23.71
CA GLU A 416 23.36 -2.73 -23.70
C GLU A 416 23.54 -3.22 -22.28
N GLY A 417 23.10 -4.44 -22.03
CA GLY A 417 23.26 -5.08 -20.75
C GLY A 417 22.33 -4.53 -19.68
N ASP A 418 22.50 -5.06 -18.48
CA ASP A 418 21.71 -4.64 -17.32
C ASP A 418 21.90 -3.17 -16.90
N ASN A 419 23.08 -2.62 -17.15
CA ASN A 419 23.42 -1.23 -16.86
C ASN A 419 23.05 -0.31 -18.05
N LYS A 420 22.48 -0.88 -19.13
CA LYS A 420 22.00 -0.04 -20.25
C LYS A 420 23.09 0.94 -20.73
N LEU A 421 24.26 0.38 -20.99
CA LEU A 421 25.40 1.19 -21.37
C LEU A 421 25.27 1.70 -22.81
N CYS A 422 25.66 2.95 -22.97
CA CYS A 422 25.76 3.67 -24.24
C CYS A 422 27.25 3.87 -24.53
N GLN A 423 27.69 3.51 -25.74
CA GLN A 423 29.07 3.81 -26.13
C GLN A 423 29.29 5.32 -26.05
N LEU A 424 30.43 5.77 -25.54
CA LEU A 424 30.67 7.18 -25.34
C LEU A 424 30.47 7.99 -26.62
N GLU A 425 30.97 7.51 -27.74
CA GLU A 425 30.86 8.25 -29.01
C GLU A 425 29.38 8.38 -29.42
N THR A 426 28.59 7.34 -29.17
CA THR A 426 27.17 7.33 -29.45
C THR A 426 26.46 8.36 -28.60
N PHE A 427 26.81 8.36 -27.31
CA PHE A 427 26.18 9.32 -26.38
C PHE A 427 26.52 10.77 -26.77
N GLN A 428 27.78 11.03 -27.12
CA GLN A 428 28.20 12.36 -27.53
C GLN A 428 27.45 12.83 -28.79
N LYS A 429 27.21 11.89 -29.68
CA LYS A 429 26.50 12.13 -30.92
C LYS A 429 25.06 12.51 -30.60
N LYS A 430 24.46 11.76 -29.70
CA LYS A 430 23.06 11.99 -29.29
C LYS A 430 22.91 13.37 -28.67
N VAL A 431 23.84 13.72 -27.82
CA VAL A 431 23.80 15.05 -27.14
C VAL A 431 23.86 16.16 -28.22
N ALA A 432 24.78 16.04 -29.16
CA ALA A 432 24.91 17.02 -30.24
C ALA A 432 23.66 17.10 -31.09
N GLN A 433 22.94 16.01 -31.26
CA GLN A 433 21.70 16.03 -32.05
C GLN A 433 20.53 16.75 -31.32
N VAL A 434 20.49 16.68 -30.02
CA VAL A 434 19.26 17.10 -29.32
C VAL A 434 19.42 18.49 -28.66
N ILE A 435 20.63 18.98 -28.56
CA ILE A 435 20.76 20.37 -28.07
C ILE A 435 20.10 21.32 -29.07
N GLU A 436 19.62 22.44 -28.55
CA GLU A 436 19.15 23.55 -29.37
C GLU A 436 20.32 24.57 -29.43
N PRO A 437 20.91 24.77 -30.61
CA PRO A 437 22.09 25.66 -30.76
C PRO A 437 21.81 27.06 -30.25
N SER A 438 20.58 27.50 -30.38
CA SER A 438 20.27 28.86 -29.97
C SER A 438 20.19 29.02 -28.43
N CYS A 439 20.22 27.92 -27.66
CA CYS A 439 19.97 27.89 -26.21
C CYS A 439 21.27 27.66 -25.40
N HIS A 440 22.42 27.82 -26.06
CA HIS A 440 23.77 27.78 -25.39
C HIS A 440 23.81 28.86 -24.31
N ILE A 441 24.40 28.52 -23.16
CA ILE A 441 24.43 29.43 -22.01
C ILE A 441 25.31 30.61 -22.37
N GLY B 33 6.61 -38.76 6.40
CA GLY B 33 7.99 -38.66 5.88
C GLY B 33 8.35 -37.26 5.37
N TYR B 34 7.35 -36.48 4.98
CA TYR B 34 7.62 -35.17 4.41
C TYR B 34 7.95 -34.26 5.58
N THR B 35 8.70 -33.23 5.24
CA THR B 35 9.18 -32.23 6.20
C THR B 35 8.22 -31.08 6.30
N LEU B 36 7.78 -30.71 7.51
CA LEU B 36 6.98 -29.48 7.67
C LEU B 36 7.95 -28.29 7.70
N GLU B 37 7.93 -27.47 6.67
CA GLU B 37 8.95 -26.46 6.44
C GLU B 37 8.56 -25.09 7.03
N ARG B 38 7.29 -24.79 6.94
CA ARG B 38 6.80 -23.47 7.32
C ARG B 38 5.30 -23.49 7.49
N VAL B 39 4.79 -22.64 8.40
CA VAL B 39 3.33 -22.57 8.71
C VAL B 39 2.91 -21.10 8.81
N VAL B 40 1.77 -20.79 8.18
CA VAL B 40 1.02 -19.55 8.46
C VAL B 40 -0.35 -19.89 9.03
N ILE B 41 -0.66 -19.24 10.16
CA ILE B 41 -1.99 -19.35 10.81
C ILE B 41 -2.72 -18.00 10.69
N LEU B 42 -3.85 -18.00 10.00
CA LEU B 42 -4.78 -16.83 10.02
C LEU B 42 -5.82 -17.20 11.07
N SER B 43 -5.68 -16.62 12.25
CA SER B 43 -6.50 -16.99 13.34
C SER B 43 -7.58 -15.95 13.55
N ARG B 44 -8.76 -16.42 13.91
CA ARG B 44 -9.70 -15.50 14.54
C ARG B 44 -9.31 -15.23 15.98
N HIS B 45 -9.74 -14.08 16.49
CA HIS B 45 -9.60 -13.82 17.91
C HIS B 45 -10.42 -14.86 18.72
N GLY B 46 -10.13 -14.96 20.01
CA GLY B 46 -10.88 -15.86 20.91
C GLY B 46 -12.24 -15.31 21.42
N VAL B 47 -12.78 -15.95 22.43
CA VAL B 47 -14.10 -15.66 22.88
C VAL B 47 -14.19 -14.20 23.36
N ARG B 48 -15.13 -13.47 22.77
CA ARG B 48 -15.35 -12.05 23.01
C ARG B 48 -16.77 -11.79 23.47
N SER B 49 -17.02 -10.63 24.06
CA SER B 49 -18.38 -10.18 24.30
C SER B 49 -19.06 -9.77 23.01
N PRO B 50 -20.40 -9.71 23.00
CA PRO B 50 -21.12 -9.30 21.81
C PRO B 50 -20.74 -7.92 21.33
N THR B 51 -20.87 -7.74 20.02
CA THR B 51 -20.81 -6.44 19.45
C THR B 51 -21.92 -5.59 20.06
N LYS B 52 -21.76 -4.30 19.87
CA LYS B 52 -22.66 -3.28 20.46
C LYS B 52 -24.15 -3.63 20.30
N GLN B 53 -24.86 -3.62 21.42
CA GLN B 53 -26.26 -4.00 21.47
C GLN B 53 -27.14 -2.91 20.82
N THR B 54 -27.93 -3.29 19.83
CA THR B 54 -28.77 -2.36 19.13
C THR B 54 -30.19 -2.40 19.66
N GLN B 55 -30.99 -1.40 19.26
CA GLN B 55 -32.40 -1.40 19.66
C GLN B 55 -33.13 -2.61 19.07
N LEU B 56 -32.79 -2.97 17.85
CA LEU B 56 -33.41 -4.12 17.16
C LEU B 56 -33.14 -5.42 17.93
N MET B 57 -31.93 -5.59 18.42
CA MET B 57 -31.55 -6.78 19.17
C MET B 57 -32.35 -6.86 20.48
N ASN B 58 -32.54 -5.74 21.15
CA ASN B 58 -33.39 -5.74 22.34
C ASN B 58 -34.85 -6.01 22.02
N ASP B 59 -35.31 -5.46 20.91
CA ASP B 59 -36.73 -5.42 20.63
C ASP B 59 -37.28 -6.77 20.12
N VAL B 60 -36.41 -7.66 19.64
CA VAL B 60 -36.93 -8.92 19.06
C VAL B 60 -37.17 -10.00 20.09
N THR B 61 -36.90 -9.74 21.39
CA THR B 61 -37.22 -10.68 22.48
C THR B 61 -37.77 -9.92 23.69
N PRO B 62 -38.71 -10.50 24.42
CA PRO B 62 -39.16 -9.90 25.69
C PRO B 62 -38.09 -10.07 26.79
N ASP B 63 -37.13 -10.96 26.57
CA ASP B 63 -36.22 -11.31 27.65
C ASP B 63 -35.04 -10.36 27.72
N LYS B 64 -34.38 -10.30 28.87
CA LYS B 64 -33.20 -9.43 29.04
C LYS B 64 -31.96 -10.17 28.57
N TRP B 65 -31.07 -9.50 27.84
CA TRP B 65 -29.79 -10.11 27.41
C TRP B 65 -28.85 -10.14 28.58
N PRO B 66 -28.19 -11.28 28.81
CA PRO B 66 -27.21 -11.29 29.87
C PRO B 66 -26.02 -10.35 29.60
N GLN B 67 -25.52 -9.74 30.67
CA GLN B 67 -24.45 -8.78 30.60
C GLN B 67 -23.10 -9.52 30.65
N TRP B 68 -22.08 -8.87 30.11
CA TRP B 68 -20.73 -9.42 30.02
C TRP B 68 -19.75 -8.66 30.89
N PRO B 69 -18.67 -9.34 31.33
CA PRO B 69 -17.69 -8.71 32.21
C PRO B 69 -16.63 -7.84 31.56
N VAL B 70 -16.79 -7.52 30.29
CA VAL B 70 -15.90 -6.64 29.53
C VAL B 70 -16.76 -5.80 28.62
N LYS B 71 -16.16 -4.73 28.14
CA LYS B 71 -16.71 -3.85 27.12
C LYS B 71 -17.14 -4.60 25.84
N ALA B 72 -18.11 -4.06 25.10
CA ALA B 72 -18.57 -4.73 23.84
C ALA B 72 -17.41 -4.96 22.88
N GLY B 73 -17.34 -6.19 22.38
CA GLY B 73 -16.33 -6.55 21.41
C GLY B 73 -14.99 -6.95 21.96
N TYR B 74 -14.82 -6.95 23.30
CA TYR B 74 -13.54 -7.27 23.88
C TYR B 74 -13.34 -8.76 24.14
N LEU B 75 -12.14 -9.24 23.92
CA LEU B 75 -11.77 -10.59 24.34
C LEU B 75 -11.91 -10.70 25.84
N THR B 76 -12.59 -11.71 26.35
CA THR B 76 -12.74 -11.84 27.80
C THR B 76 -11.48 -12.48 28.42
N PRO B 77 -11.29 -12.34 29.73
CA PRO B 77 -10.16 -13.03 30.38
C PRO B 77 -10.23 -14.54 30.13
N ARG B 78 -11.45 -15.09 30.18
CA ARG B 78 -11.67 -16.52 29.91
C ARG B 78 -11.25 -16.81 28.46
N GLY B 79 -11.67 -15.96 27.54
CA GLY B 79 -11.32 -16.11 26.14
C GLY B 79 -9.82 -16.13 25.88
N ALA B 80 -9.08 -15.26 26.58
CA ALA B 80 -7.66 -15.25 26.47
C ALA B 80 -7.05 -16.56 26.97
N GLY B 81 -7.57 -17.08 28.05
CA GLY B 81 -7.12 -18.38 28.63
C GLY B 81 -7.31 -19.49 27.60
N LEU B 82 -8.44 -19.44 26.93
CA LEU B 82 -8.75 -20.43 25.92
C LEU B 82 -7.79 -20.34 24.75
N VAL B 83 -7.42 -19.14 24.34
CA VAL B 83 -6.47 -18.99 23.27
C VAL B 83 -5.09 -19.54 23.68
N THR B 84 -4.69 -19.31 24.90
CA THR B 84 -3.46 -19.85 25.46
C THR B 84 -3.44 -21.39 25.43
N LEU B 85 -4.57 -22.01 25.79
CA LEU B 85 -4.68 -23.48 25.65
C LEU B 85 -4.47 -23.91 24.20
N MET B 86 -5.04 -23.15 23.28
CA MET B 86 -4.91 -23.48 21.87
C MET B 86 -3.46 -23.28 21.46
N GLY B 87 -2.80 -22.25 22.00
CA GLY B 87 -1.38 -22.05 21.72
C GLY B 87 -0.50 -23.22 22.17
N GLY B 88 -0.87 -23.84 23.31
CA GLY B 88 -0.17 -25.00 23.83
C GLY B 88 -0.34 -26.12 22.83
N PHE B 89 -1.55 -26.26 22.32
CA PHE B 89 -1.81 -27.32 21.34
C PHE B 89 -0.99 -27.10 20.06
N TYR B 90 -1.00 -25.90 19.51
CA TYR B 90 -0.20 -25.59 18.35
C TYR B 90 1.26 -25.91 18.64
N GLY B 91 1.73 -25.54 19.84
CA GLY B 91 3.11 -25.87 20.19
C GLY B 91 3.37 -27.38 20.15
N ASP B 92 2.47 -28.16 20.72
CA ASP B 92 2.67 -29.62 20.74
C ASP B 92 2.70 -30.15 19.29
N TYR B 93 1.78 -29.68 18.47
CA TYR B 93 1.62 -30.19 17.06
C TYR B 93 2.86 -29.85 16.26
N PHE B 94 3.26 -28.57 16.29
CA PHE B 94 4.38 -28.14 15.46
C PHE B 94 5.69 -28.75 15.94
N ARG B 95 5.85 -28.93 17.25
CA ARG B 95 7.06 -29.54 17.75
C ARG B 95 7.14 -31.03 17.38
N SER B 96 5.98 -31.70 17.31
CA SER B 96 5.95 -33.12 16.92
C SER B 96 6.46 -33.33 15.48
N TYR B 97 6.31 -32.30 14.64
CA TYR B 97 6.81 -32.32 13.28
C TYR B 97 8.16 -31.61 13.12
N GLY B 98 8.76 -31.22 14.24
CA GLY B 98 10.10 -30.64 14.26
C GLY B 98 10.20 -29.22 13.71
N LEU B 99 9.06 -28.58 13.50
CA LEU B 99 9.02 -27.17 12.97
C LEU B 99 9.66 -26.24 13.98
N LEU B 100 9.44 -26.51 15.26
CA LEU B 100 9.99 -25.71 16.36
C LEU B 100 10.67 -26.67 17.32
N PRO B 101 11.75 -26.23 17.97
CA PRO B 101 12.41 -27.10 18.94
C PRO B 101 11.65 -27.18 20.26
N ALA B 102 12.05 -28.11 21.11
CA ALA B 102 11.66 -28.06 22.52
C ALA B 102 12.10 -26.72 23.15
N GLY B 103 11.40 -26.25 24.17
CA GLY B 103 11.79 -25.01 24.88
C GLY B 103 11.51 -23.77 24.04
N CYS B 104 12.27 -22.71 24.28
CA CYS B 104 12.02 -21.45 23.60
C CYS B 104 12.48 -21.56 22.15
N PRO B 105 11.70 -20.95 21.27
CA PRO B 105 12.02 -20.92 19.84
C PRO B 105 13.27 -20.11 19.54
N ALA B 106 13.95 -20.45 18.45
CA ALA B 106 15.08 -19.68 17.98
C ALA B 106 14.60 -18.24 17.78
N ASP B 107 15.54 -17.31 17.91
CA ASP B 107 15.20 -15.89 17.79
C ASP B 107 14.61 -15.66 16.39
N GLU B 108 13.47 -15.00 16.38
CA GLU B 108 12.79 -14.53 15.18
C GLU B 108 12.25 -15.71 14.31
N SER B 109 12.15 -16.91 14.87
CA SER B 109 11.48 -18.02 14.11
C SER B 109 9.96 -17.91 14.13
N ILE B 110 9.35 -17.23 15.12
CA ILE B 110 7.90 -17.02 15.17
C ILE B 110 7.64 -15.50 15.06
N TYR B 111 6.70 -15.11 14.22
CA TYR B 111 6.25 -13.73 14.12
C TYR B 111 4.77 -13.71 14.29
N VAL B 112 4.27 -12.76 15.09
CA VAL B 112 2.86 -12.62 15.32
C VAL B 112 2.42 -11.19 15.04
N GLN B 113 1.51 -11.04 14.08
CA GLN B 113 1.00 -9.74 13.67
C GLN B 113 -0.51 -9.76 13.85
N ALA B 114 -1.07 -8.79 14.58
CA ALA B 114 -2.48 -8.73 14.86
C ALA B 114 -3.09 -7.43 14.35
N ASP B 115 -4.38 -7.45 14.08
CA ASP B 115 -5.12 -6.20 13.81
C ASP B 115 -5.16 -5.35 15.09
N VAL B 116 -5.59 -4.11 14.92
CA VAL B 116 -5.50 -3.07 15.99
C VAL B 116 -6.44 -3.25 17.15
N ASP B 117 -7.48 -4.06 16.98
CA ASP B 117 -8.48 -4.24 18.03
C ASP B 117 -7.88 -4.88 19.26
N GLN B 118 -8.49 -4.57 20.41
CA GLN B 118 -8.13 -5.28 21.63
C GLN B 118 -8.22 -6.80 21.44
N ARG B 119 -9.28 -7.26 20.76
CA ARG B 119 -9.45 -8.70 20.78
C ARG B 119 -8.42 -9.44 19.97
N THR B 120 -7.92 -8.76 18.94
CA THR B 120 -6.91 -9.36 18.07
C THR B 120 -5.49 -9.27 18.68
N ARG B 121 -5.17 -8.08 19.22
CA ARG B 121 -3.92 -7.97 19.92
C ARG B 121 -3.78 -8.93 21.08
N LEU B 122 -4.77 -8.97 21.95
CA LEU B 122 -4.68 -9.85 23.10
C LEU B 122 -4.69 -11.34 22.67
N THR B 123 -5.41 -11.66 21.62
CA THR B 123 -5.35 -13.03 21.16
C THR B 123 -3.92 -13.39 20.68
N GLY B 124 -3.28 -12.47 19.98
CA GLY B 124 -1.88 -12.69 19.58
C GLY B 124 -0.97 -12.95 20.73
N GLN B 125 -1.11 -12.13 21.77
CA GLN B 125 -0.28 -12.32 22.89
C GLN B 125 -0.61 -13.61 23.62
N ALA B 126 -1.88 -13.93 23.77
CA ALA B 126 -2.27 -15.13 24.52
C ALA B 126 -1.75 -16.38 23.75
N PHE B 127 -1.77 -16.28 22.44
CA PHE B 127 -1.20 -17.39 21.59
C PHE B 127 0.25 -17.63 21.95
N LEU B 128 1.03 -16.53 22.00
CA LEU B 128 2.42 -16.61 22.38
C LEU B 128 2.69 -17.17 23.76
N ASP B 129 1.87 -16.72 24.72
CA ASP B 129 1.97 -17.19 26.08
C ASP B 129 1.72 -18.70 26.16
N GLY B 130 0.96 -19.25 25.23
CA GLY B 130 0.72 -20.71 25.13
C GLY B 130 1.78 -21.51 24.38
N ILE B 131 2.19 -21.00 23.23
CA ILE B 131 3.14 -21.72 22.37
C ILE B 131 4.59 -21.58 22.86
N ALA B 132 4.91 -20.50 23.59
CA ALA B 132 6.27 -20.22 24.00
C ALA B 132 6.24 -19.53 25.37
N PRO B 133 5.69 -20.20 26.38
CA PRO B 133 5.60 -19.59 27.72
C PRO B 133 6.97 -19.14 28.28
N ASP B 134 6.97 -17.92 28.83
CA ASP B 134 8.15 -17.32 29.46
C ASP B 134 9.32 -17.10 28.51
N CYS B 135 9.06 -16.95 27.23
CA CYS B 135 10.11 -16.74 26.28
C CYS B 135 10.24 -15.26 25.85
N GLY B 136 9.38 -14.40 26.36
CA GLY B 136 9.49 -12.97 26.08
C GLY B 136 9.01 -12.45 24.75
N LEU B 137 8.33 -13.30 23.95
CA LEU B 137 7.86 -12.89 22.61
C LEU B 137 6.64 -12.03 22.75
N LYS B 138 6.51 -11.06 21.83
CA LYS B 138 5.41 -10.08 21.90
CA LYS B 138 5.40 -10.09 21.88
C LYS B 138 4.64 -9.98 20.56
N VAL B 139 3.35 -9.74 20.64
CA VAL B 139 2.56 -9.43 19.49
C VAL B 139 2.93 -8.10 18.86
N HIS B 140 2.87 -8.07 17.52
CA HIS B 140 3.12 -6.84 16.74
C HIS B 140 1.82 -6.42 16.10
N TYR B 141 1.72 -5.13 15.77
CA TYR B 141 0.52 -4.55 15.19
C TYR B 141 0.83 -3.11 14.72
N GLN B 142 -0.09 -2.55 13.95
CA GLN B 142 0.04 -1.15 13.51
C GLN B 142 0.11 -0.21 14.72
N ALA B 143 1.14 0.58 14.77
CA ALA B 143 1.39 1.49 15.92
C ALA B 143 0.26 2.48 16.10
N ASP B 144 -0.26 3.03 14.99
CA ASP B 144 -1.43 3.90 15.17
C ASP B 144 -2.74 3.14 15.29
N LEU B 145 -3.21 2.92 16.52
CA LEU B 145 -4.37 2.10 16.76
C LEU B 145 -5.68 2.78 16.37
N LYS B 146 -5.62 4.09 16.11
CA LYS B 146 -6.82 4.85 15.77
C LYS B 146 -7.08 4.88 14.27
N LYS B 147 -6.25 4.20 13.50
CA LYS B 147 -6.45 4.14 12.06
C LYS B 147 -6.76 2.69 11.68
N ILE B 148 -7.51 2.49 10.62
CA ILE B 148 -7.72 1.17 10.06
C ILE B 148 -6.41 0.55 9.54
N ASP B 149 -6.25 -0.76 9.72
CA ASP B 149 -5.12 -1.46 9.13
C ASP B 149 -5.56 -2.05 7.80
N PRO B 150 -4.97 -1.58 6.70
CA PRO B 150 -5.44 -2.08 5.38
C PRO B 150 -5.15 -3.55 5.12
N LEU B 151 -4.27 -4.18 5.88
CA LEU B 151 -4.08 -5.64 5.71
C LEU B 151 -5.35 -6.37 6.09
N PHE B 152 -6.01 -5.89 7.13
CA PHE B 152 -7.17 -6.59 7.73
C PHE B 152 -8.52 -6.00 7.28
N HIS B 153 -8.53 -4.76 6.82
CA HIS B 153 -9.73 -4.05 6.35
C HIS B 153 -9.44 -3.26 5.10
N THR B 154 -9.14 -3.97 4.02
CA THR B 154 -8.62 -3.40 2.82
C THR B 154 -9.59 -2.40 2.13
N VAL B 155 -10.85 -2.82 2.00
CA VAL B 155 -11.89 -1.97 1.41
C VAL B 155 -12.23 -0.77 2.33
N GLU B 156 -12.35 -1.03 3.62
CA GLU B 156 -12.66 0.06 4.56
CA GLU B 156 -12.68 0.05 4.55
C GLU B 156 -11.58 1.12 4.50
N ALA B 157 -10.33 0.69 4.28
CA ALA B 157 -9.16 1.56 4.22
C ALA B 157 -9.08 2.31 2.89
N GLY B 158 -9.97 2.00 1.96
CA GLY B 158 -10.04 2.60 0.64
C GLY B 158 -8.93 2.18 -0.32
N VAL B 159 -8.28 1.03 -0.08
CA VAL B 159 -7.25 0.54 -1.00
C VAL B 159 -7.85 0.29 -2.38
N CYS B 160 -9.03 -0.31 -2.37
CA CYS B 160 -9.81 -0.53 -3.58
C CYS B 160 -11.27 -0.48 -3.17
N LYS B 161 -12.16 -0.16 -4.10
CA LYS B 161 -13.54 0.17 -3.78
C LYS B 161 -14.48 -0.94 -4.36
N LEU B 162 -15.64 -1.11 -3.75
CA LEU B 162 -16.66 -2.02 -4.27
C LEU B 162 -17.66 -1.24 -5.02
N ASP B 163 -18.00 -1.69 -6.23
CA ASP B 163 -19.04 -1.06 -7.01
C ASP B 163 -20.39 -1.53 -6.55
N PRO B 164 -21.33 -0.59 -6.29
CA PRO B 164 -22.63 -1.03 -5.75
C PRO B 164 -23.39 -2.06 -6.63
N GLU B 165 -23.52 -1.79 -7.91
CA GLU B 165 -24.25 -2.72 -8.78
CA GLU B 165 -24.24 -2.72 -8.80
C GLU B 165 -23.54 -4.07 -8.86
N LYS B 166 -22.23 -4.07 -9.08
CA LYS B 166 -21.50 -5.34 -9.17
C LYS B 166 -21.64 -6.14 -7.87
N THR B 167 -21.60 -5.46 -6.71
CA THR B 167 -21.74 -6.11 -5.44
C THR B 167 -23.11 -6.80 -5.30
N HIS B 168 -24.19 -6.07 -5.59
CA HIS B 168 -25.52 -6.65 -5.50
C HIS B 168 -25.65 -7.87 -6.40
N GLN B 169 -25.15 -7.72 -7.61
CA GLN B 169 -25.24 -8.80 -8.64
C GLN B 169 -24.47 -10.02 -8.20
N ALA B 170 -23.27 -9.78 -7.67
CA ALA B 170 -22.39 -10.85 -7.18
C ALA B 170 -22.99 -11.63 -6.05
N VAL B 171 -23.59 -10.96 -5.06
CA VAL B 171 -24.16 -11.64 -3.89
C VAL B 171 -25.39 -12.43 -4.33
N GLU B 172 -26.19 -11.85 -5.19
CA GLU B 172 -27.39 -12.56 -5.64
C GLU B 172 -26.98 -13.82 -6.42
N LYS B 173 -25.94 -13.74 -7.17
CA LYS B 173 -25.44 -14.88 -7.99
C LYS B 173 -24.93 -15.95 -6.99
N ARG B 174 -24.27 -15.52 -5.92
CA ARG B 174 -23.77 -16.48 -4.93
C ARG B 174 -24.95 -17.19 -4.25
N LEU B 175 -26.02 -16.46 -3.90
CA LEU B 175 -27.19 -17.01 -3.28
C LEU B 175 -27.90 -17.98 -4.20
N GLY B 176 -27.89 -17.67 -5.49
CA GLY B 176 -28.71 -18.41 -6.50
C GLY B 176 -30.08 -17.83 -6.76
N GLY B 177 -30.28 -16.56 -6.41
CA GLY B 177 -31.50 -15.86 -6.64
C GLY B 177 -31.63 -14.59 -5.84
N PRO B 178 -32.81 -13.96 -5.89
CA PRO B 178 -33.02 -12.75 -5.10
C PRO B 178 -33.06 -12.99 -3.62
N LEU B 179 -32.76 -11.92 -2.88
CA LEU B 179 -32.63 -12.03 -1.42
C LEU B 179 -33.94 -12.46 -0.71
N ASN B 180 -35.08 -12.15 -1.29
CA ASN B 180 -36.36 -12.56 -0.70
C ASN B 180 -36.49 -14.10 -0.59
N GLU B 181 -35.69 -14.83 -1.37
CA GLU B 181 -35.76 -16.29 -1.30
C GLU B 181 -35.08 -16.88 -0.10
N LEU B 182 -34.37 -16.04 0.67
CA LEU B 182 -33.77 -16.48 1.92
C LEU B 182 -34.83 -17.06 2.89
N SER B 183 -36.03 -16.49 2.86
CA SER B 183 -37.12 -16.94 3.76
C SER B 183 -37.47 -18.41 3.60
N GLN B 184 -37.53 -18.88 2.35
CA GLN B 184 -37.71 -20.31 2.11
C GLN B 184 -36.49 -21.13 2.40
N ARG B 185 -35.37 -20.70 1.88
CA ARG B 185 -34.15 -21.43 2.00
C ARG B 185 -33.79 -21.74 3.42
N TYR B 186 -33.99 -20.77 4.32
CA TYR B 186 -33.71 -20.99 5.73
C TYR B 186 -34.97 -20.95 6.61
N ALA B 187 -36.11 -21.44 6.08
CA ALA B 187 -37.35 -21.39 6.83
C ALA B 187 -37.24 -22.04 8.20
N LYS B 188 -36.62 -23.22 8.28
CA LYS B 188 -36.58 -23.92 9.57
C LYS B 188 -35.64 -23.19 10.56
N PRO B 189 -34.44 -22.84 10.11
CA PRO B 189 -33.57 -22.03 11.00
C PRO B 189 -34.22 -20.75 11.49
N PHE B 190 -34.93 -20.03 10.59
CA PHE B 190 -35.56 -18.75 10.99
C PHE B 190 -36.64 -19.02 12.02
N ALA B 191 -37.45 -20.09 11.86
CA ALA B 191 -38.52 -20.36 12.80
C ALA B 191 -37.93 -20.77 14.12
N LEU B 192 -36.86 -21.53 14.06
CA LEU B 192 -36.14 -21.88 15.28
C LEU B 192 -35.63 -20.64 16.00
N MET B 193 -35.06 -19.69 15.25
CA MET B 193 -34.59 -18.43 15.88
C MET B 193 -35.73 -17.67 16.58
N GLY B 194 -36.89 -17.63 15.94
CA GLY B 194 -38.04 -16.95 16.57
C GLY B 194 -38.49 -17.63 17.85
N GLU B 195 -38.41 -18.95 17.86
CA GLU B 195 -38.77 -19.69 19.05
C GLU B 195 -37.76 -19.44 20.18
N VAL B 196 -36.48 -19.41 19.86
CA VAL B 196 -35.46 -19.21 20.87
C VAL B 196 -35.63 -17.80 21.50
N LEU B 197 -35.92 -16.83 20.65
CA LEU B 197 -36.16 -15.45 21.11
C LEU B 197 -37.48 -15.23 21.86
N ASN B 198 -38.44 -16.15 21.70
CA ASN B 198 -39.84 -15.91 22.10
C ASN B 198 -40.33 -14.65 21.37
N PHE B 199 -40.01 -14.60 20.09
CA PHE B 199 -40.29 -13.44 19.24
C PHE B 199 -41.77 -12.98 19.31
N SER B 200 -42.70 -13.94 19.46
CA SER B 200 -44.14 -13.62 19.47
CA SER B 200 -44.15 -13.61 19.46
C SER B 200 -44.57 -12.69 20.61
N ALA B 201 -43.81 -12.72 21.68
CA ALA B 201 -44.08 -11.94 22.88
C ALA B 201 -43.21 -10.66 22.93
N SER B 202 -42.45 -10.39 21.87
CA SER B 202 -41.48 -9.29 21.81
C SER B 202 -42.15 -7.95 21.42
N PRO B 203 -41.50 -6.84 21.79
CA PRO B 203 -41.96 -5.53 21.32
C PRO B 203 -41.95 -5.42 19.78
N TYR B 204 -40.95 -6.01 19.12
CA TYR B 204 -40.92 -5.91 17.65
C TYR B 204 -42.16 -6.59 17.04
N CYS B 205 -42.49 -7.77 17.54
CA CYS B 205 -43.64 -8.48 17.03
C CYS B 205 -44.94 -7.72 17.30
N ASN B 206 -45.09 -7.16 18.51
CA ASN B 206 -46.23 -6.27 18.79
C ASN B 206 -46.33 -5.09 17.80
N SER B 207 -45.19 -4.52 17.39
CA SER B 207 -45.16 -3.40 16.43
C SER B 207 -45.68 -3.87 15.08
N LEU B 208 -45.32 -5.10 14.70
CA LEU B 208 -45.87 -5.70 13.48
C LEU B 208 -47.39 -5.88 13.55
N GLN B 209 -47.88 -6.40 14.68
CA GLN B 209 -49.29 -6.70 14.81
C GLN B 209 -50.12 -5.43 14.79
N GLN B 210 -49.57 -4.35 15.32
CA GLN B 210 -50.24 -3.04 15.25
C GLN B 210 -50.44 -2.56 13.82
N LYS B 211 -49.50 -2.89 12.92
CA LYS B 211 -49.63 -2.57 11.49
C LYS B 211 -50.37 -3.70 10.71
N GLY B 212 -51.01 -4.63 11.41
CA GLY B 212 -51.79 -5.71 10.78
C GLY B 212 -50.94 -6.75 10.06
N LYS B 213 -49.71 -7.00 10.55
CA LYS B 213 -48.84 -8.03 9.97
C LYS B 213 -48.59 -9.19 10.94
N ALA B 214 -48.38 -10.37 10.37
CA ALA B 214 -48.11 -11.58 11.13
C ALA B 214 -46.70 -11.52 11.71
N CYS B 215 -46.46 -12.25 12.83
CA CYS B 215 -45.14 -12.28 13.45
C CYS B 215 -44.25 -13.40 12.95
N ASP B 216 -44.08 -13.43 11.65
CA ASP B 216 -43.25 -14.37 11.01
C ASP B 216 -41.82 -13.84 11.12
N PHE B 217 -40.99 -14.49 11.93
CA PHE B 217 -39.61 -14.01 12.12
C PHE B 217 -38.80 -13.83 10.82
N ALA B 218 -38.89 -14.82 9.92
CA ALA B 218 -38.13 -14.78 8.69
C ALA B 218 -38.34 -13.51 7.85
N THR B 219 -39.54 -12.95 7.97
CA THR B 219 -39.94 -11.77 7.23
C THR B 219 -40.23 -10.54 8.08
N PHE B 220 -39.64 -10.44 9.26
CA PHE B 220 -39.91 -9.24 10.06
C PHE B 220 -39.55 -7.90 9.35
N ALA B 221 -38.59 -7.97 8.46
CA ALA B 221 -38.21 -6.87 7.57
C ALA B 221 -37.60 -7.53 6.32
N ALA B 222 -37.42 -6.77 5.26
CA ALA B 222 -36.67 -7.26 4.08
C ALA B 222 -35.20 -7.46 4.37
N ASN B 223 -34.57 -8.38 3.65
CA ASN B 223 -33.10 -8.50 3.65
C ASN B 223 -32.59 -7.54 2.57
N GLU B 224 -31.67 -6.66 2.92
CA GLU B 224 -31.20 -5.60 2.00
C GLU B 224 -29.70 -5.43 2.12
N ILE B 225 -29.04 -5.26 0.98
CA ILE B 225 -27.62 -4.96 0.93
C ILE B 225 -27.48 -3.46 0.61
N GLU B 226 -26.57 -2.80 1.30
CA GLU B 226 -26.27 -1.39 1.10
C GLU B 226 -24.73 -1.26 0.93
N VAL B 227 -24.30 -0.75 -0.22
CA VAL B 227 -22.97 -0.28 -0.45
C VAL B 227 -22.96 1.24 -0.32
N ASN B 228 -22.07 1.75 0.50
CA ASN B 228 -21.99 3.21 0.75
C ASN B 228 -21.46 3.96 -0.43
N LYS B 229 -21.65 5.28 -0.40
CA LYS B 229 -21.35 6.13 -1.51
C LYS B 229 -19.92 5.99 -1.97
N GLU B 230 -19.00 5.78 -1.04
CA GLU B 230 -17.58 5.77 -1.34
C GLU B 230 -17.11 4.40 -1.75
N GLY B 231 -17.98 3.39 -1.65
CA GLY B 231 -17.61 2.03 -2.02
C GLY B 231 -16.62 1.43 -1.06
N THR B 232 -16.64 1.92 0.18
CA THR B 232 -15.74 1.44 1.22
C THR B 232 -16.44 0.59 2.27
N LYS B 233 -17.74 0.36 2.12
CA LYS B 233 -18.42 -0.55 3.02
CA LYS B 233 -18.49 -0.48 3.05
C LYS B 233 -19.64 -1.15 2.35
N VAL B 234 -19.89 -2.38 2.69
CA VAL B 234 -21.02 -3.17 2.24
C VAL B 234 -21.64 -3.77 3.51
N SER B 235 -22.92 -3.59 3.63
CA SER B 235 -23.67 -3.96 4.78
C SER B 235 -24.87 -4.80 4.35
N LEU B 236 -25.33 -5.63 5.25
CA LEU B 236 -26.59 -6.40 5.07
C LEU B 236 -27.46 -6.10 6.30
N SER B 237 -28.71 -5.78 6.07
CA SER B 237 -29.67 -5.56 7.12
C SER B 237 -30.81 -6.55 6.92
N GLY B 238 -31.57 -6.76 7.98
CA GLY B 238 -32.77 -7.59 7.94
C GLY B 238 -32.59 -8.90 8.70
N PRO B 239 -33.54 -9.84 8.51
CA PRO B 239 -33.57 -11.07 9.31
C PRO B 239 -32.34 -11.98 9.23
N LEU B 240 -31.77 -12.17 8.05
CA LEU B 240 -30.52 -12.93 7.97
C LEU B 240 -29.37 -12.28 8.76
N ALA B 241 -29.20 -10.99 8.52
CA ALA B 241 -28.17 -10.23 9.25
C ALA B 241 -28.36 -10.30 10.76
N LEU B 242 -29.54 -10.01 11.25
CA LEU B 242 -29.79 -10.06 12.70
C LEU B 242 -29.52 -11.48 13.25
N SER B 243 -30.05 -12.47 12.53
CA SER B 243 -29.90 -13.87 12.91
C SER B 243 -28.44 -14.34 13.01
N SER B 244 -27.62 -13.85 12.09
CA SER B 244 -26.18 -14.13 12.10
C SER B 244 -25.56 -13.61 13.37
N THR B 245 -25.95 -12.41 13.76
CA THR B 245 -25.45 -11.81 15.00
C THR B 245 -25.95 -12.56 16.22
N LEU B 246 -27.24 -12.77 16.29
CA LEU B 246 -27.81 -13.39 17.48
C LEU B 246 -27.30 -14.82 17.72
N GLY B 247 -27.21 -15.56 16.63
CA GLY B 247 -26.67 -16.92 16.83
C GLY B 247 -25.23 -16.95 17.35
N GLU B 248 -24.41 -16.02 16.83
CA GLU B 248 -23.05 -15.84 17.36
C GLU B 248 -23.08 -15.50 18.85
N ILE B 249 -23.99 -14.62 19.23
CA ILE B 249 -24.08 -14.26 20.65
C ILE B 249 -24.38 -15.45 21.51
N PHE B 250 -25.32 -16.32 21.09
CA PHE B 250 -25.56 -17.51 21.88
C PHE B 250 -24.31 -18.37 21.95
N LEU B 251 -23.66 -18.59 20.82
CA LEU B 251 -22.47 -19.42 20.84
C LEU B 251 -21.38 -18.82 21.79
N LEU B 252 -21.26 -17.50 21.76
CA LEU B 252 -20.30 -16.85 22.65
C LEU B 252 -20.68 -17.04 24.10
N GLN B 253 -21.97 -16.89 24.43
CA GLN B 253 -22.41 -17.18 25.78
C GLN B 253 -22.03 -18.58 26.25
N ASN B 254 -22.28 -19.55 25.35
CA ASN B 254 -21.93 -20.90 25.70
C ASN B 254 -20.44 -21.08 25.93
N SER B 255 -19.66 -20.47 25.05
CA SER B 255 -18.20 -20.56 25.03
C SER B 255 -17.52 -19.86 26.23
N GLN B 256 -18.25 -18.90 26.76
CA GLN B 256 -17.84 -18.14 27.94
C GLN B 256 -18.17 -18.85 29.28
N ALA B 257 -18.84 -20.01 29.16
CA ALA B 257 -19.33 -20.81 30.25
C ALA B 257 -20.40 -20.08 31.09
N MET B 258 -21.20 -19.25 30.43
CA MET B 258 -22.31 -18.64 31.14
CA MET B 258 -22.35 -18.62 31.10
C MET B 258 -23.36 -19.71 31.42
N PRO B 259 -23.98 -19.65 32.60
CA PRO B 259 -24.89 -20.73 33.02
C PRO B 259 -26.16 -20.76 32.18
N ASP B 260 -26.67 -19.59 31.74
CA ASP B 260 -27.92 -19.56 31.02
C ASP B 260 -27.67 -19.04 29.64
N VAL B 261 -27.66 -19.93 28.65
CA VAL B 261 -27.49 -19.62 27.25
C VAL B 261 -28.84 -19.53 26.54
N ALA B 262 -29.09 -18.45 25.82
CA ALA B 262 -30.35 -18.29 25.06
C ALA B 262 -31.57 -18.61 25.95
N TRP B 263 -31.59 -18.09 27.19
CA TRP B 263 -32.69 -18.21 28.10
C TRP B 263 -33.13 -19.66 28.32
N ASN B 264 -32.17 -20.58 28.23
CA ASN B 264 -32.38 -22.03 28.36
C ASN B 264 -33.35 -22.63 27.29
N ARG B 265 -33.47 -21.97 26.15
CA ARG B 265 -34.38 -22.36 25.08
C ARG B 265 -33.65 -22.96 23.91
N LEU B 266 -32.36 -23.23 24.07
CA LEU B 266 -31.57 -23.76 22.95
C LEU B 266 -30.74 -24.96 23.37
N SER B 267 -31.19 -26.17 22.93
CA SER B 267 -30.48 -27.42 23.30
C SER B 267 -30.47 -28.35 22.06
N GLY B 268 -29.39 -29.11 21.92
CA GLY B 268 -29.32 -30.14 20.87
C GLY B 268 -28.38 -29.79 19.77
N GLU B 269 -27.68 -30.82 19.27
CA GLU B 269 -26.62 -30.60 18.30
C GLU B 269 -27.21 -30.02 17.03
N GLU B 270 -28.29 -30.62 16.54
CA GLU B 270 -28.83 -30.19 15.25
CA GLU B 270 -28.88 -30.17 15.26
C GLU B 270 -29.48 -28.78 15.37
N ASN B 271 -30.06 -28.46 16.51
CA ASN B 271 -30.60 -27.10 16.69
C ASN B 271 -29.46 -26.05 16.70
N TRP B 272 -28.31 -26.37 17.30
CA TRP B 272 -27.14 -25.46 17.20
C TRP B 272 -26.67 -25.28 15.78
N ILE B 273 -26.58 -26.38 15.04
CA ILE B 273 -26.15 -26.31 13.63
C ILE B 273 -27.15 -25.49 12.85
N SER B 274 -28.42 -25.79 13.03
CA SER B 274 -29.46 -25.11 12.26
C SER B 274 -29.40 -23.59 12.54
N LEU B 275 -29.33 -23.23 13.81
CA LEU B 275 -29.39 -21.82 14.15
C LEU B 275 -28.17 -21.11 13.58
N LEU B 276 -26.96 -21.70 13.75
CA LEU B 276 -25.75 -21.10 13.23
C LEU B 276 -25.61 -21.14 11.72
N SER B 277 -26.45 -21.92 11.04
CA SER B 277 -26.42 -22.00 9.58
C SER B 277 -26.83 -20.61 9.01
N LEU B 278 -27.63 -19.85 9.76
CA LEU B 278 -27.95 -18.46 9.34
C LEU B 278 -26.68 -17.61 9.35
N HIS B 279 -25.92 -17.67 10.43
CA HIS B 279 -24.60 -16.99 10.56
C HIS B 279 -23.65 -17.38 9.41
N ASN B 280 -23.51 -18.69 9.20
CA ASN B 280 -22.62 -19.13 8.13
C ASN B 280 -23.09 -18.70 6.76
N ALA B 281 -24.38 -18.66 6.54
CA ALA B 281 -24.92 -18.17 5.28
C ALA B 281 -24.61 -16.70 5.06
N GLN B 282 -24.79 -15.93 6.14
CA GLN B 282 -24.45 -14.51 6.06
C GLN B 282 -22.99 -14.30 5.68
N PHE B 283 -22.09 -15.05 6.29
CA PHE B 283 -20.69 -14.99 5.96
C PHE B 283 -20.43 -15.46 4.52
N ASP B 284 -21.13 -16.51 4.08
CA ASP B 284 -20.97 -16.92 2.67
C ASP B 284 -21.32 -15.79 1.72
N LEU B 285 -22.49 -15.19 1.91
CA LEU B 285 -22.94 -14.17 1.03
C LEU B 285 -22.10 -12.89 1.11
N MET B 286 -21.86 -12.43 2.33
CA MET B 286 -21.25 -11.11 2.46
C MET B 286 -19.74 -11.09 2.53
N ALA B 287 -19.10 -12.24 2.75
CA ALA B 287 -17.68 -12.35 2.87
C ALA B 287 -16.98 -13.34 1.97
N LYS B 288 -17.74 -14.32 1.46
CA LYS B 288 -17.12 -15.33 0.55
C LYS B 288 -17.43 -15.12 -0.92
N THR B 289 -18.53 -14.48 -1.27
CA THR B 289 -18.84 -14.10 -2.63
C THR B 289 -17.54 -13.56 -3.30
N PRO B 290 -17.09 -14.19 -4.36
CA PRO B 290 -15.77 -13.84 -4.82
C PRO B 290 -15.49 -12.36 -5.12
N TYR B 291 -16.43 -11.68 -5.75
CA TYR B 291 -16.25 -10.24 -6.03
C TYR B 291 -15.88 -9.49 -4.73
N ILE B 292 -16.60 -9.79 -3.67
CA ILE B 292 -16.31 -9.13 -2.37
C ILE B 292 -15.00 -9.70 -1.78
N ALA B 293 -14.89 -11.02 -1.78
CA ALA B 293 -13.76 -11.69 -1.12
C ALA B 293 -12.40 -11.29 -1.72
N ARG B 294 -12.30 -11.20 -3.04
CA ARG B 294 -11.05 -10.89 -3.70
C ARG B 294 -10.68 -9.44 -3.44
N HIS B 295 -11.68 -8.58 -3.33
CA HIS B 295 -11.36 -7.13 -3.04
C HIS B 295 -10.92 -7.01 -1.61
N LYS B 296 -11.59 -7.70 -0.68
CA LYS B 296 -11.25 -7.57 0.72
C LYS B 296 -10.05 -8.39 1.13
N GLY B 297 -9.79 -9.48 0.42
CA GLY B 297 -8.85 -10.49 0.90
C GLY B 297 -7.52 -10.53 0.21
N THR B 298 -7.34 -9.76 -0.85
CA THR B 298 -6.08 -9.78 -1.57
C THR B 298 -4.86 -9.56 -0.66
N PRO B 299 -4.87 -8.51 0.18
CA PRO B 299 -3.66 -8.31 0.98
C PRO B 299 -3.36 -9.52 1.88
N LEU B 300 -4.35 -10.04 2.58
CA LEU B 300 -4.09 -11.19 3.43
C LEU B 300 -3.66 -12.41 2.62
N LEU B 301 -4.23 -12.62 1.45
CA LEU B 301 -3.84 -13.84 0.68
C LEU B 301 -2.39 -13.66 0.25
N GLN B 302 -1.98 -12.47 -0.20
CA GLN B 302 -0.60 -12.27 -0.58
C GLN B 302 0.33 -12.35 0.62
N GLN B 303 -0.11 -11.84 1.77
CA GLN B 303 0.71 -11.88 2.97
C GLN B 303 0.91 -13.35 3.41
N ILE B 304 -0.18 -14.12 3.38
CA ILE B 304 -0.08 -15.57 3.70
C ILE B 304 0.89 -16.29 2.75
N ASP B 305 0.65 -16.12 1.45
CA ASP B 305 1.45 -16.83 0.42
C ASP B 305 2.92 -16.47 0.51
N THR B 306 3.20 -15.17 0.64
CA THR B 306 4.56 -14.69 0.57
C THR B 306 5.30 -15.10 1.84
N ALA B 307 4.61 -15.14 2.99
CA ALA B 307 5.24 -15.62 4.22
C ALA B 307 5.45 -17.11 4.17
N LEU B 308 4.49 -17.84 3.61
CA LEU B 308 4.56 -19.30 3.61
C LEU B 308 5.76 -19.79 2.82
N VAL B 309 5.97 -19.22 1.65
CA VAL B 309 7.12 -19.56 0.82
C VAL B 309 8.37 -18.71 1.16
N LEU B 310 8.20 -17.79 2.06
CA LEU B 310 9.23 -16.88 2.52
C LEU B 310 9.98 -16.14 1.41
N GLN B 311 9.19 -15.41 0.61
CA GLN B 311 9.73 -14.48 -0.39
C GLN B 311 9.59 -13.14 0.28
N ARG B 312 10.65 -12.73 0.98
CA ARG B 312 10.54 -11.61 1.92
C ARG B 312 10.30 -10.23 1.24
N ASP B 313 10.63 -10.11 -0.04
CA ASP B 313 10.48 -8.84 -0.76
C ASP B 313 9.43 -8.88 -1.87
N ALA B 314 8.65 -9.96 -1.95
CA ALA B 314 7.60 -10.11 -2.94
C ALA B 314 6.50 -9.11 -2.66
N GLN B 315 5.70 -8.85 -3.68
CA GLN B 315 4.49 -8.05 -3.50
C GLN B 315 3.60 -8.56 -2.42
N GLY B 316 3.22 -7.70 -1.49
CA GLY B 316 2.29 -8.09 -0.47
C GLY B 316 2.91 -8.71 0.78
N GLN B 317 4.25 -8.83 0.77
CA GLN B 317 4.94 -9.25 1.97
C GLN B 317 5.30 -7.97 2.77
N THR B 318 4.52 -7.72 3.80
CA THR B 318 4.53 -6.43 4.54
C THR B 318 5.26 -6.43 5.83
N LEU B 319 5.79 -7.57 6.25
CA LEU B 319 6.31 -7.72 7.62
C LEU B 319 7.78 -7.93 7.62
N PRO B 320 8.45 -7.55 8.71
CA PRO B 320 9.85 -7.73 8.80
C PRO B 320 10.24 -9.17 9.20
N LEU B 321 9.92 -10.10 8.32
CA LEU B 321 10.20 -11.51 8.54
C LEU B 321 11.68 -11.82 8.42
N SER B 322 12.19 -12.72 9.24
CA SER B 322 13.59 -13.07 9.11
C SER B 322 13.76 -14.31 8.21
N PRO B 323 14.98 -14.56 7.77
CA PRO B 323 15.23 -15.74 6.93
C PRO B 323 14.91 -17.03 7.64
N GLN B 324 14.95 -17.00 8.97
CA GLN B 324 14.73 -18.20 9.76
C GLN B 324 13.29 -18.33 10.21
N THR B 325 12.38 -17.54 9.64
CA THR B 325 11.00 -17.61 10.03
C THR B 325 10.44 -19.00 9.77
N LYS B 326 9.79 -19.57 10.78
CA LYS B 326 9.10 -20.87 10.68
C LYS B 326 7.60 -20.79 10.82
N LEU B 327 7.13 -19.79 11.55
CA LEU B 327 5.71 -19.68 11.85
CA LEU B 327 5.71 -19.69 11.85
C LEU B 327 5.29 -18.21 11.88
N LEU B 328 4.31 -17.86 11.09
CA LEU B 328 3.66 -16.54 11.17
C LEU B 328 2.24 -16.74 11.67
N PHE B 329 1.87 -16.00 12.69
CA PHE B 329 0.48 -15.97 13.18
C PHE B 329 -0.11 -14.60 12.88
N LEU B 330 -1.25 -14.62 12.22
CA LEU B 330 -2.00 -13.40 11.88
C LEU B 330 -3.29 -13.36 12.69
N GLY B 331 -3.42 -12.37 13.56
CA GLY B 331 -4.53 -12.24 14.47
C GLY B 331 -5.65 -11.38 13.88
N GLY B 332 -6.63 -12.04 13.23
CA GLY B 332 -7.66 -11.32 12.52
C GLY B 332 -9.07 -11.74 12.94
N HIS B 333 -9.96 -11.74 11.94
CA HIS B 333 -11.36 -11.81 12.17
C HIS B 333 -11.99 -12.93 11.39
N ASP B 334 -13.18 -13.31 11.82
CA ASP B 334 -13.99 -14.29 11.00
C ASP B 334 -14.12 -13.82 9.56
N THR B 335 -14.30 -12.52 9.33
CA THR B 335 -14.47 -12.01 7.97
C THR B 335 -13.19 -12.26 7.11
N ASN B 336 -12.00 -12.24 7.72
CA ASN B 336 -10.79 -12.42 7.00
C ASN B 336 -10.65 -13.90 6.56
N ILE B 337 -11.01 -14.79 7.50
CA ILE B 337 -10.94 -16.25 7.17
C ILE B 337 -11.91 -16.48 5.99
N ALA B 338 -13.13 -15.94 6.12
CA ALA B 338 -14.17 -16.12 5.08
C ALA B 338 -13.69 -15.55 3.75
N ASN B 339 -13.06 -14.37 3.74
CA ASN B 339 -12.61 -13.77 2.54
C ASN B 339 -11.62 -14.70 1.82
N ILE B 340 -10.67 -15.22 2.60
CA ILE B 340 -9.64 -16.11 2.02
C ILE B 340 -10.29 -17.38 1.52
N ALA B 341 -11.23 -17.93 2.28
CA ALA B 341 -11.94 -19.15 1.77
C ALA B 341 -12.69 -18.87 0.49
N GLY B 342 -13.30 -17.68 0.39
CA GLY B 342 -14.03 -17.39 -0.83
C GLY B 342 -13.12 -17.23 -2.02
N MET B 343 -11.96 -16.63 -1.83
CA MET B 343 -10.98 -16.50 -2.90
C MET B 343 -10.52 -17.87 -3.41
N LEU B 344 -10.30 -18.74 -2.43
CA LEU B 344 -9.76 -20.09 -2.71
C LEU B 344 -10.80 -21.15 -3.02
N GLY B 345 -12.06 -20.77 -3.08
CA GLY B 345 -13.12 -21.73 -3.42
C GLY B 345 -13.31 -22.81 -2.36
N ALA B 346 -13.07 -22.47 -1.11
CA ALA B 346 -13.13 -23.44 -0.02
C ALA B 346 -14.45 -23.40 0.71
N ASN B 347 -14.94 -24.56 1.05
CA ASN B 347 -16.10 -24.69 1.85
C ASN B 347 -15.92 -25.80 2.84
N TRP B 348 -16.43 -25.63 4.06
CA TRP B 348 -16.31 -26.66 5.05
C TRP B 348 -17.42 -26.65 6.07
N GLN B 349 -17.49 -27.72 6.82
CA GLN B 349 -18.32 -27.84 7.99
C GLN B 349 -17.45 -28.44 9.09
N LEU B 350 -17.56 -27.88 10.31
CA LEU B 350 -16.75 -28.32 11.45
C LEU B 350 -17.49 -29.19 12.44
N PRO B 351 -17.14 -30.47 12.54
CA PRO B 351 -17.88 -31.25 13.51
C PRO B 351 -17.75 -30.68 14.94
N GLN B 352 -18.87 -30.65 15.67
CA GLN B 352 -18.94 -30.14 17.04
C GLN B 352 -18.61 -28.67 17.18
N GLN B 353 -18.79 -27.93 16.10
CA GLN B 353 -18.52 -26.47 16.14
C GLN B 353 -19.35 -25.79 15.06
N PRO B 354 -20.53 -25.31 15.45
CA PRO B 354 -21.52 -24.94 14.38
C PRO B 354 -21.17 -23.63 13.68
N ASP B 355 -20.23 -22.84 14.22
CA ASP B 355 -19.75 -21.67 13.49
C ASP B 355 -18.57 -22.04 12.61
N ASN B 356 -18.68 -21.80 11.31
CA ASN B 356 -17.57 -22.16 10.39
C ASN B 356 -16.28 -21.39 10.65
N THR B 357 -16.40 -20.22 11.30
CA THR B 357 -15.28 -19.34 11.59
C THR B 357 -15.28 -19.07 13.12
N PRO B 358 -15.05 -20.11 13.93
CA PRO B 358 -15.38 -20.08 15.34
C PRO B 358 -14.39 -19.23 16.12
N PRO B 359 -14.80 -18.84 17.34
CA PRO B 359 -13.88 -18.17 18.27
C PRO B 359 -12.62 -18.99 18.46
N GLY B 360 -11.49 -18.36 18.22
CA GLY B 360 -10.20 -18.99 18.40
C GLY B 360 -9.75 -19.94 17.31
N GLY B 361 -10.61 -20.17 16.34
CA GLY B 361 -10.22 -21.08 15.24
C GLY B 361 -9.24 -20.46 14.28
N GLY B 362 -8.42 -21.30 13.65
CA GLY B 362 -7.37 -20.85 12.76
C GLY B 362 -7.42 -21.58 11.43
N LEU B 363 -7.34 -20.81 10.35
CA LEU B 363 -7.13 -21.32 8.99
C LEU B 363 -5.61 -21.43 8.82
N VAL B 364 -5.14 -22.67 8.75
CA VAL B 364 -3.66 -22.93 8.86
C VAL B 364 -3.16 -23.41 7.52
N PHE B 365 -2.11 -22.75 7.03
CA PHE B 365 -1.42 -23.11 5.79
C PHE B 365 -0.12 -23.76 6.15
N GLU B 366 0.10 -24.97 5.60
CA GLU B 366 1.33 -25.73 5.86
C GLU B 366 2.10 -25.92 4.58
N LEU B 367 3.40 -25.64 4.65
CA LEU B 367 4.32 -25.94 3.55
C LEU B 367 5.07 -27.22 3.86
N TRP B 368 4.84 -28.26 3.03
CA TRP B 368 5.44 -29.56 3.24
C TRP B 368 6.44 -29.81 2.10
N GLN B 369 7.56 -30.43 2.43
CA GLN B 369 8.55 -30.79 1.44
C GLN B 369 8.86 -32.28 1.46
N ASN B 370 8.89 -32.93 0.28
CA ASN B 370 9.36 -34.28 0.16
C ASN B 370 10.88 -34.19 0.22
N PRO B 371 11.52 -34.77 1.28
CA PRO B 371 12.95 -34.53 1.46
C PRO B 371 13.78 -35.27 0.41
N ASP B 372 13.17 -36.30 -0.19
CA ASP B 372 13.88 -37.03 -1.24
C ASP B 372 14.05 -36.24 -2.52
N ASN B 373 12.93 -35.80 -3.10
CA ASN B 373 12.97 -35.09 -4.39
C ASN B 373 12.78 -33.57 -4.34
N HIS B 374 12.57 -33.02 -3.15
CA HIS B 374 12.45 -31.58 -2.93
C HIS B 374 11.14 -30.96 -3.43
N GLN B 375 10.19 -31.77 -3.90
CA GLN B 375 8.88 -31.25 -4.25
C GLN B 375 8.15 -30.69 -3.03
N ARG B 376 7.56 -29.48 -3.18
CA ARG B 376 6.82 -28.85 -2.11
C ARG B 376 5.35 -28.87 -2.38
N TYR B 377 4.60 -28.87 -1.29
CA TYR B 377 3.16 -28.94 -1.28
C TYR B 377 2.59 -27.96 -0.29
N VAL B 378 1.37 -27.50 -0.55
CA VAL B 378 0.62 -26.73 0.45
C VAL B 378 -0.57 -27.53 0.96
N ALA B 379 -0.77 -27.53 2.29
CA ALA B 379 -1.96 -28.10 2.90
C ALA B 379 -2.67 -27.00 3.68
N VAL B 380 -3.98 -27.04 3.66
CA VAL B 380 -4.81 -26.04 4.36
C VAL B 380 -5.71 -26.84 5.33
N LYS B 381 -5.80 -26.35 6.56
CA LYS B 381 -6.57 -26.97 7.60
C LYS B 381 -7.30 -25.93 8.46
N MET B 382 -8.46 -26.26 8.92
CA MET B 382 -9.05 -25.50 10.10
C MET B 382 -8.68 -26.22 11.38
N PHE B 383 -8.11 -25.47 12.32
CA PHE B 383 -7.82 -25.94 13.64
C PHE B 383 -8.80 -25.20 14.56
N TYR B 384 -9.46 -25.92 15.44
CA TYR B 384 -10.44 -25.31 16.31
C TYR B 384 -10.73 -26.12 17.56
N GLN B 385 -11.24 -25.41 18.55
CA GLN B 385 -11.90 -26.04 19.68
C GLN B 385 -13.38 -26.26 19.48
N THR B 386 -13.84 -27.41 19.92
CA THR B 386 -15.27 -27.73 19.84
C THR B 386 -16.03 -26.83 20.82
N MET B 387 -17.37 -26.83 20.70
CA MET B 387 -18.25 -26.11 21.68
CA MET B 387 -18.19 -26.07 21.67
C MET B 387 -17.89 -26.54 23.11
N GLU B 388 -17.78 -27.85 23.31
CA GLU B 388 -17.55 -28.42 24.62
C GLU B 388 -16.15 -28.06 25.09
N GLN B 389 -15.15 -28.11 24.20
CA GLN B 389 -13.77 -27.75 24.60
C GLN B 389 -13.66 -26.27 25.05
N LEU B 390 -14.44 -25.42 24.42
CA LEU B 390 -14.52 -23.98 24.82
C LEU B 390 -15.26 -23.84 26.13
N ARG B 391 -16.47 -24.38 26.23
CA ARG B 391 -17.23 -24.25 27.47
C ARG B 391 -16.52 -24.86 28.68
N ASN B 392 -15.91 -26.03 28.52
CA ASN B 392 -15.24 -26.70 29.64
C ASN B 392 -13.78 -26.33 29.90
N ALA B 393 -13.23 -25.50 29.03
CA ALA B 393 -11.84 -25.06 29.09
C ALA B 393 -10.86 -26.19 29.24
N ASP B 394 -11.10 -27.22 28.40
CA ASP B 394 -10.32 -28.44 28.35
C ASP B 394 -8.87 -28.16 28.07
N LYS B 395 -7.94 -28.69 28.89
CA LYS B 395 -6.54 -28.71 28.48
C LYS B 395 -6.41 -29.60 27.24
N LEU B 396 -5.66 -29.12 26.26
CA LEU B 396 -5.51 -29.78 24.97
C LEU B 396 -4.14 -30.50 24.85
N ASP B 397 -4.10 -31.69 24.23
CA ASP B 397 -2.83 -32.39 23.97
C ASP B 397 -2.99 -33.25 22.72
N LEU B 398 -1.93 -33.89 22.22
CA LEU B 398 -2.03 -34.64 20.96
C LEU B 398 -2.76 -35.97 21.16
N LYS B 399 -2.59 -36.56 22.32
CA LYS B 399 -3.10 -37.92 22.59
C LYS B 399 -4.52 -37.87 23.14
N ASN B 400 -4.72 -37.26 24.30
CA ASN B 400 -5.97 -37.42 25.05
C ASN B 400 -7.12 -36.53 24.56
N ASN B 401 -6.81 -35.28 24.30
CA ASN B 401 -7.85 -34.32 24.00
C ASN B 401 -7.31 -33.28 23.04
N PRO B 402 -7.15 -33.67 21.77
CA PRO B 402 -6.61 -32.75 20.81
C PRO B 402 -7.65 -31.69 20.36
N ALA B 403 -7.16 -30.54 19.95
CA ALA B 403 -7.92 -29.64 19.13
C ALA B 403 -8.29 -30.40 17.85
N ARG B 404 -9.41 -29.99 17.29
CA ARG B 404 -9.89 -30.58 16.02
C ARG B 404 -9.15 -29.98 14.86
N ILE B 405 -8.90 -30.84 13.85
CA ILE B 405 -8.18 -30.48 12.63
C ILE B 405 -8.96 -31.02 11.42
N VAL B 406 -9.34 -30.14 10.51
CA VAL B 406 -10.17 -30.53 9.37
C VAL B 406 -9.45 -30.05 8.13
N PRO B 407 -8.99 -31.01 7.29
CA PRO B 407 -8.41 -30.59 6.03
C PRO B 407 -9.42 -29.94 5.12
N ILE B 408 -8.93 -28.95 4.38
CA ILE B 408 -9.78 -28.08 3.53
C ILE B 408 -9.38 -28.28 2.09
N ALA B 409 -10.34 -28.56 1.20
CA ALA B 409 -10.04 -28.66 -0.21
C ALA B 409 -10.00 -27.27 -0.88
N ILE B 410 -9.05 -27.07 -1.77
CA ILE B 410 -8.87 -25.81 -2.50
C ILE B 410 -9.25 -26.01 -3.97
N GLU B 411 -10.15 -25.15 -4.45
CA GLU B 411 -10.66 -25.22 -5.82
CA GLU B 411 -10.65 -25.25 -5.82
C GLU B 411 -9.48 -25.08 -6.78
N GLY B 412 -9.36 -26.01 -7.75
CA GLY B 412 -8.31 -25.96 -8.76
C GLY B 412 -7.00 -26.59 -8.33
N CYS B 413 -6.93 -27.07 -7.09
CA CYS B 413 -5.72 -27.69 -6.55
C CYS B 413 -5.90 -29.22 -6.64
N GLU B 414 -4.79 -29.93 -6.46
CA GLU B 414 -4.82 -31.37 -6.60
C GLU B 414 -5.65 -32.02 -5.50
N ASN B 415 -5.68 -31.44 -4.30
CA ASN B 415 -6.39 -32.04 -3.15
C ASN B 415 -6.06 -33.52 -2.92
N GLU B 416 -4.77 -33.81 -2.96
CA GLU B 416 -4.29 -35.20 -2.96
C GLU B 416 -4.18 -35.78 -1.55
N GLY B 417 -4.77 -36.96 -1.36
CA GLY B 417 -4.65 -37.69 -0.12
C GLY B 417 -5.42 -37.11 1.03
N ASP B 418 -5.22 -37.72 2.20
CA ASP B 418 -5.93 -37.33 3.39
C ASP B 418 -5.58 -35.92 3.86
N ASN B 419 -4.40 -35.43 3.51
CA ASN B 419 -4.03 -34.02 3.80
C ASN B 419 -4.38 -33.04 2.70
N LYS B 420 -5.06 -33.51 1.66
CA LYS B 420 -5.52 -32.64 0.57
C LYS B 420 -4.41 -31.71 0.04
N LEU B 421 -3.28 -32.31 -0.30
CA LEU B 421 -2.10 -31.57 -0.70
C LEU B 421 -2.26 -30.98 -2.08
N CYS B 422 -1.83 -29.73 -2.20
CA CYS B 422 -1.72 -29.03 -3.48
C CYS B 422 -0.22 -28.90 -3.80
N GLN B 423 0.19 -29.22 -5.02
CA GLN B 423 1.56 -28.99 -5.36
C GLN B 423 1.84 -27.52 -5.31
N LEU B 424 2.99 -27.14 -4.78
CA LEU B 424 3.28 -25.70 -4.57
C LEU B 424 3.09 -24.86 -5.85
N GLU B 425 3.56 -25.33 -6.99
CA GLU B 425 3.44 -24.57 -8.25
C GLU B 425 1.97 -24.38 -8.64
N THR B 426 1.14 -25.39 -8.35
CA THR B 426 -0.30 -25.27 -8.54
C THR B 426 -0.91 -24.21 -7.64
N PHE B 427 -0.51 -24.20 -6.38
CA PHE B 427 -1.04 -23.28 -5.39
C PHE B 427 -0.66 -21.86 -5.82
N GLN B 428 0.59 -21.69 -6.24
CA GLN B 428 1.06 -20.33 -6.67
C GLN B 428 0.26 -19.80 -7.85
N LYS B 429 -0.01 -20.69 -8.80
CA LYS B 429 -0.81 -20.33 -9.97
C LYS B 429 -2.22 -19.93 -9.52
N LYS B 430 -2.77 -20.66 -8.54
CA LYS B 430 -4.11 -20.41 -8.05
C LYS B 430 -4.19 -19.02 -7.40
N VAL B 431 -3.24 -18.71 -6.52
CA VAL B 431 -3.17 -17.41 -5.88
C VAL B 431 -3.08 -16.30 -6.92
N ALA B 432 -2.23 -16.47 -7.92
CA ALA B 432 -2.08 -15.49 -8.98
C ALA B 432 -3.36 -15.25 -9.74
N GLN B 433 -4.21 -16.28 -9.88
CA GLN B 433 -5.48 -16.19 -10.66
C GLN B 433 -6.52 -15.46 -9.86
N VAL B 434 -6.47 -15.52 -8.54
CA VAL B 434 -7.64 -15.08 -7.74
C VAL B 434 -7.42 -13.73 -7.06
N ILE B 435 -6.19 -13.26 -6.97
CA ILE B 435 -5.95 -11.91 -6.39
C ILE B 435 -6.61 -10.87 -7.33
N GLU B 436 -6.97 -9.73 -6.76
CA GLU B 436 -7.38 -8.57 -7.50
C GLU B 436 -6.18 -7.65 -7.45
N PRO B 437 -5.49 -7.51 -8.56
CA PRO B 437 -4.22 -6.77 -8.59
C PRO B 437 -4.29 -5.39 -8.00
N SER B 438 -5.39 -4.69 -8.26
CA SER B 438 -5.58 -3.32 -7.78
C SER B 438 -5.71 -3.18 -6.25
N CYS B 439 -5.90 -4.29 -5.57
CA CYS B 439 -6.22 -4.34 -4.17
C CYS B 439 -4.99 -4.72 -3.31
N HIS B 440 -3.81 -4.83 -3.92
CA HIS B 440 -2.63 -5.18 -3.12
C HIS B 440 -2.15 -3.95 -2.32
N ILE B 441 -1.38 -4.23 -1.27
CA ILE B 441 -0.72 -3.18 -0.52
C ILE B 441 0.78 -3.31 -0.59
#